data_8TNY
#
_entry.id   8TNY
#
_cell.length_a   1.00
_cell.length_b   1.00
_cell.length_c   1.00
_cell.angle_alpha   90.00
_cell.angle_beta   90.00
_cell.angle_gamma   90.00
#
_symmetry.space_group_name_H-M   'P 1'
#
loop_
_entity.id
_entity.type
_entity.pdbx_description
1 polymer 'Sulfate transporter'
2 non-polymer 'SULFATE ION'
#
_entity_poly.entity_id   1
_entity_poly.type   'polypeptide(L)'
_entity_poly.pdbx_seq_one_letter_code
;HRILIERQEKSDTNFKEFVIKKLQKNCQCSPAKAKNMILGFLPVLQWLPKYDLKKNILGDVMSGLIVGILLVPQSIAYSL
LAGQEPVYGLYTSFFASIIYFLLGTSRHISVGIFGVLCLMIGETVDRELQKAGYDNAHSAPSLGMVSNGSTLLNHTSDRI
CDKSCYAIMVGSTVTFIAGVYQVAMGFFQVGFVSVYLSDALLSGFVTGASFTILTSQAKYLLGLNLPRTNGVGSLITTWI
HVFRNIHKTNLCDLITSLLCLLVLLPTKELNEHFKSKLKAPIPIELVVVVAATLASHFGKLHENYNSSIAGHIPTGFMPP
KVPEWNLIPSVAVDAIAISIIGFAITVSLSEMFAKKHGYTVKANQEMYAIGFCNIIPSFFHCFTTSAALAKTLVKESTGC
HTQLSGVVTALVLLLVLLVIAPLFYSLQKSVLGVITIVNLRGALRKFRDLPKMWSISRMDTVIWFVTMLSSALLSTEIGL
LVGVCFSIFCVILRTQKPKSSLLGLVEESEVFESVSAYKNLQIKPGIKIFRFVAPLYYINKECFKSALYKQTVNPILIKV
AWKKAAKRKIKEKVVTLGGIQDEMSVQLSHDPLELHTIVIDCSAIQFLDTAGIHTLKEVRRDYEAIGIQVLLAQCNPTVR
DSLTNGEYCKKEEENLLFYSVYEAMAFAEVSKN
;
_entity_poly.pdbx_strand_id   B,A
#
loop_
_chem_comp.id
_chem_comp.type
_chem_comp.name
_chem_comp.formula
SO4 non-polymer 'SULFATE ION' 'O4 S -2'
#
# COMPACT_ATOMS: atom_id res chain seq x y z
N HIS A 1 -1.07 46.03 -8.60
CA HIS A 1 -2.37 45.41 -8.38
C HIS A 1 -2.24 44.11 -7.58
N ARG A 2 -1.91 44.23 -6.31
CA ARG A 2 -1.73 43.08 -5.43
C ARG A 2 -2.35 43.37 -4.08
N ILE A 3 -2.71 42.30 -3.36
CA ILE A 3 -3.25 42.41 -2.01
C ILE A 3 -2.20 41.92 -1.01
N LEU A 4 -2.04 42.66 0.07
CA LEU A 4 -1.04 42.35 1.10
C LEU A 4 -1.75 41.73 2.29
N ILE A 5 -1.43 40.47 2.59
CA ILE A 5 -1.97 39.75 3.74
C ILE A 5 -0.80 39.23 4.55
N GLU A 6 -0.85 39.42 5.86
CA GLU A 6 0.22 39.02 6.76
C GLU A 6 -0.16 37.77 7.53
N ARG A 7 0.75 36.82 7.59
CA ARG A 7 0.51 35.59 8.33
C ARG A 7 0.54 35.84 9.84
N GLN A 8 -0.23 35.05 10.57
CA GLN A 8 -0.14 35.08 12.02
C GLN A 8 1.19 34.51 12.48
N GLU A 9 1.70 35.02 13.59
CA GLU A 9 2.97 34.58 14.14
C GLU A 9 2.89 33.16 14.68
N MET A 62 -38.20 -10.66 27.53
CA MET A 62 -38.61 -9.88 26.36
C MET A 62 -38.33 -10.64 25.08
N SER A 63 -37.74 -9.95 24.11
CA SER A 63 -37.40 -10.59 22.84
C SER A 63 -36.20 -11.51 22.95
N GLY A 64 -35.50 -11.50 24.08
CA GLY A 64 -34.30 -12.31 24.25
C GLY A 64 -34.55 -13.81 24.12
N LEU A 65 -35.76 -14.26 24.47
CA LEU A 65 -36.07 -15.68 24.36
C LEU A 65 -35.99 -16.14 22.90
N ILE A 66 -36.50 -15.31 21.98
CA ILE A 66 -36.44 -15.64 20.53
C ILE A 66 -34.99 -15.89 20.13
N VAL A 67 -34.12 -14.89 20.33
CA VAL A 67 -32.69 -15.03 19.93
C VAL A 67 -32.08 -16.20 20.70
N GLY A 68 -32.37 -16.28 22.01
CA GLY A 68 -31.80 -17.37 22.85
C GLY A 68 -32.14 -18.74 22.29
N ILE A 69 -33.27 -18.86 21.57
CA ILE A 69 -33.69 -20.15 21.05
C ILE A 69 -33.27 -20.30 19.59
N LEU A 70 -32.89 -19.15 19.07
CA LEU A 70 -32.35 -19.16 17.71
C LEU A 70 -30.85 -19.43 17.83
N LEU A 71 -30.27 -19.08 18.97
CA LEU A 71 -28.80 -19.24 19.10
C LEU A 71 -28.46 -20.71 19.35
N VAL A 72 -29.39 -21.49 19.91
CA VAL A 72 -29.01 -22.90 20.24
C VAL A 72 -28.69 -23.60 18.93
N PRO A 73 -29.63 -23.73 17.97
CA PRO A 73 -29.27 -24.33 16.70
C PRO A 73 -28.22 -23.49 15.97
N GLN A 74 -28.11 -22.20 16.28
CA GLN A 74 -27.17 -21.34 15.51
C GLN A 74 -25.79 -21.43 16.16
N SER A 75 -25.67 -22.30 17.14
CA SER A 75 -24.32 -22.46 17.70
C SER A 75 -23.78 -23.82 17.33
N ILE A 76 -24.55 -24.85 17.61
CA ILE A 76 -23.98 -26.20 17.37
C ILE A 76 -23.16 -26.06 16.10
N ALA A 77 -23.76 -25.49 15.08
CA ALA A 77 -22.97 -25.45 13.84
C ALA A 77 -21.83 -24.49 14.02
N TYR A 78 -22.15 -23.24 14.25
CA TYR A 78 -21.02 -22.30 14.29
C TYR A 78 -19.98 -22.95 15.19
N SER A 79 -20.32 -23.92 16.04
CA SER A 79 -19.29 -24.66 16.75
C SER A 79 -18.75 -25.79 15.89
N LEU A 80 -19.63 -26.51 15.19
CA LEU A 80 -19.18 -27.56 14.28
C LEU A 80 -18.32 -26.98 13.16
N LEU A 81 -18.74 -25.84 12.62
CA LEU A 81 -17.91 -25.15 11.63
C LEU A 81 -16.57 -24.74 12.24
N ALA A 82 -16.59 -24.31 13.49
CA ALA A 82 -15.36 -23.96 14.19
C ALA A 82 -14.51 -25.17 14.51
N GLY A 83 -15.02 -26.38 14.32
CA GLY A 83 -14.26 -27.57 14.63
C GLY A 83 -14.08 -27.83 16.10
N GLN A 84 -15.14 -27.67 16.89
CA GLN A 84 -15.10 -27.93 18.32
C GLN A 84 -16.39 -28.64 18.71
N GLU A 85 -16.47 -29.05 19.98
CA GLU A 85 -17.67 -29.69 20.47
C GLU A 85 -18.82 -28.68 20.52
N PRO A 86 -20.05 -29.14 20.24
CA PRO A 86 -21.17 -28.19 20.15
C PRO A 86 -21.46 -27.45 21.43
N VAL A 87 -21.25 -28.06 22.60
CA VAL A 87 -21.59 -27.39 23.85
C VAL A 87 -20.70 -26.18 24.08
N TYR A 88 -19.53 -26.15 23.46
CA TYR A 88 -18.62 -25.04 23.70
C TYR A 88 -19.09 -23.79 22.97
N GLY A 89 -19.78 -23.93 21.85
CA GLY A 89 -20.42 -22.78 21.24
C GLY A 89 -21.46 -22.16 22.14
N LEU A 90 -22.25 -23.01 22.82
CA LEU A 90 -23.21 -22.50 23.79
C LEU A 90 -22.52 -21.80 24.94
N TYR A 91 -21.40 -22.35 25.41
CA TYR A 91 -20.60 -21.65 26.43
C TYR A 91 -20.19 -20.27 25.94
N THR A 92 -19.72 -20.19 24.69
CA THR A 92 -19.29 -18.90 24.14
C THR A 92 -20.44 -17.91 24.12
N SER A 93 -21.60 -18.33 23.62
CA SER A 93 -22.74 -17.43 23.56
C SER A 93 -23.14 -16.94 24.94
N PHE A 94 -23.22 -17.86 25.90
CA PHE A 94 -23.63 -17.49 27.25
C PHE A 94 -22.65 -16.50 27.87
N PHE A 95 -21.36 -16.81 27.82
CA PHE A 95 -20.39 -15.93 28.45
C PHE A 95 -20.31 -14.59 27.75
N ALA A 96 -20.46 -14.57 26.42
CA ALA A 96 -20.45 -13.30 25.71
C ALA A 96 -21.61 -12.42 26.13
N SER A 97 -22.82 -12.97 26.18
CA SER A 97 -23.97 -12.18 26.60
C SER A 97 -23.81 -11.68 28.03
N ILE A 98 -23.36 -12.56 28.93
CA ILE A 98 -23.22 -12.16 30.33
C ILE A 98 -22.19 -11.06 30.47
N ILE A 99 -21.04 -11.20 29.80
CA ILE A 99 -19.99 -10.20 29.93
C ILE A 99 -20.43 -8.87 29.36
N TYR A 100 -21.09 -8.89 28.21
CA TYR A 100 -21.49 -7.62 27.60
C TYR A 100 -22.56 -6.93 28.43
N PHE A 101 -23.45 -7.70 29.07
CA PHE A 101 -24.42 -7.09 29.96
C PHE A 101 -23.74 -6.40 31.14
N LEU A 102 -22.71 -7.04 31.70
CA LEU A 102 -21.98 -6.45 32.82
C LEU A 102 -21.34 -5.12 32.43
N LEU A 103 -20.75 -5.08 31.23
CA LEU A 103 -20.09 -3.87 30.76
C LEU A 103 -20.26 -3.76 29.25
N GLY A 104 -20.72 -2.60 28.79
CA GLY A 104 -20.95 -2.38 27.38
C GLY A 104 -21.73 -1.11 27.18
N THR A 105 -21.73 -0.65 25.92
CA THR A 105 -22.37 0.62 25.59
C THR A 105 -23.23 0.62 24.35
N SER A 106 -23.27 -0.46 23.56
CA SER A 106 -24.02 -0.44 22.31
C SER A 106 -25.51 -0.25 22.57
N ARG A 107 -26.05 -0.98 23.55
CA ARG A 107 -27.43 -0.88 24.00
C ARG A 107 -28.39 -1.46 22.96
N HIS A 108 -27.88 -1.75 21.76
CA HIS A 108 -28.66 -2.49 20.76
C HIS A 108 -27.67 -3.25 19.89
N ILE A 109 -27.35 -4.49 20.30
CA ILE A 109 -26.41 -5.35 19.53
C ILE A 109 -26.47 -6.77 20.10
N SER A 110 -25.95 -7.75 19.37
CA SER A 110 -25.97 -9.16 19.85
C SER A 110 -24.55 -9.74 19.76
N VAL A 111 -23.65 -9.29 20.65
CA VAL A 111 -22.25 -9.81 20.66
C VAL A 111 -22.30 -11.31 20.93
N GLY A 112 -21.38 -12.07 20.33
CA GLY A 112 -21.40 -13.54 20.50
C GLY A 112 -20.73 -14.24 19.33
N ILE A 113 -21.26 -15.36 18.88
CA ILE A 113 -20.55 -16.15 17.84
C ILE A 113 -20.80 -15.48 16.52
N PHE A 114 -19.75 -15.14 15.76
CA PHE A 114 -19.84 -14.50 14.43
C PHE A 114 -19.33 -15.48 13.38
N GLY A 115 -20.20 -15.86 12.43
CA GLY A 115 -19.80 -16.86 11.41
C GLY A 115 -18.37 -16.69 10.95
N VAL A 116 -18.02 -15.52 10.42
CA VAL A 116 -16.69 -15.32 9.87
C VAL A 116 -15.63 -15.54 10.94
N LEU A 117 -15.86 -15.05 12.15
CA LEU A 117 -14.91 -15.26 13.23
C LEU A 117 -14.75 -16.74 13.54
N CYS A 118 -15.87 -17.48 13.57
CA CYS A 118 -15.80 -18.92 13.80
C CYS A 118 -15.03 -19.60 12.67
N LEU A 119 -15.25 -19.16 11.43
CA LEU A 119 -14.51 -19.75 10.32
C LEU A 119 -13.01 -19.53 10.47
N MET A 120 -12.61 -18.31 10.84
CA MET A 120 -11.18 -18.03 10.98
C MET A 120 -10.57 -18.84 12.12
N ILE A 121 -11.25 -18.90 13.28
CA ILE A 121 -10.69 -19.66 14.39
C ILE A 121 -10.65 -21.15 14.03
N GLY A 122 -11.63 -21.63 13.26
CA GLY A 122 -11.61 -23.02 12.84
C GLY A 122 -10.47 -23.32 11.89
N GLU A 123 -10.19 -22.41 10.96
CA GLU A 123 -9.06 -22.59 10.07
C GLU A 123 -7.75 -22.63 10.85
N THR A 124 -7.60 -21.72 11.82
CA THR A 124 -6.40 -21.73 12.65
C THR A 124 -6.30 -23.03 13.44
N VAL A 125 -7.43 -23.50 13.97
CA VAL A 125 -7.44 -24.74 14.75
C VAL A 125 -7.03 -25.91 13.87
N ASP A 126 -7.56 -25.98 12.65
CA ASP A 126 -7.21 -27.07 11.75
C ASP A 126 -5.73 -27.04 11.39
N ARG A 127 -5.19 -25.86 11.12
CA ARG A 127 -3.76 -25.78 10.80
C ARG A 127 -2.91 -26.20 11.98
N GLU A 128 -3.28 -25.78 13.20
CA GLU A 128 -2.54 -26.18 14.38
C GLU A 128 -2.62 -27.69 14.60
N LEU A 129 -3.79 -28.27 14.36
CA LEU A 129 -3.95 -29.72 14.46
C LEU A 129 -3.03 -30.44 13.48
N GLN A 130 -3.00 -29.99 12.23
CA GLN A 130 -2.15 -30.64 11.24
C GLN A 130 -0.67 -30.46 11.58
N LYS A 131 -0.29 -29.29 12.09
CA LYS A 131 1.09 -29.06 12.49
C LYS A 131 1.50 -29.98 13.64
N ALA A 132 0.61 -30.15 14.62
CA ALA A 132 0.91 -30.99 15.77
C ALA A 132 0.58 -32.45 15.56
N GLY A 133 -0.36 -32.76 14.66
CA GLY A 133 -0.76 -34.14 14.46
C GLY A 133 -1.43 -34.76 15.66
N TYR A 134 -2.30 -34.03 16.32
CA TYR A 134 -3.01 -34.54 17.49
C TYR A 134 -4.35 -35.15 17.10
N ILE A 160 -4.75 -37.53 26.94
CA ILE A 160 -5.30 -36.39 27.65
C ILE A 160 -5.78 -35.33 26.66
N CYS A 161 -4.86 -34.91 25.78
CA CYS A 161 -5.21 -33.90 24.78
C CYS A 161 -6.27 -34.42 23.82
N ASP A 162 -6.14 -35.69 23.41
CA ASP A 162 -7.11 -36.37 22.54
C ASP A 162 -7.31 -35.55 21.28
N LYS A 163 -8.54 -35.33 20.81
CA LYS A 163 -8.80 -34.52 19.62
C LYS A 163 -9.58 -33.26 19.95
N SER A 164 -10.74 -33.38 20.58
CA SER A 164 -11.54 -32.20 20.87
C SER A 164 -10.84 -31.27 21.86
N CYS A 165 -10.23 -31.85 22.90
CA CYS A 165 -9.65 -31.02 23.95
C CYS A 165 -8.49 -30.18 23.42
N TYR A 166 -7.62 -30.77 22.60
CA TYR A 166 -6.48 -30.01 22.08
C TYR A 166 -6.94 -28.85 21.21
N ALA A 167 -7.90 -29.10 20.31
CA ALA A 167 -8.41 -28.04 19.45
C ALA A 167 -9.08 -26.95 20.29
N ILE A 168 -9.78 -27.35 21.35
CA ILE A 168 -10.46 -26.37 22.20
C ILE A 168 -9.44 -25.49 22.90
N MET A 169 -8.35 -26.08 23.40
CA MET A 169 -7.29 -25.28 23.99
C MET A 169 -6.65 -24.35 22.95
N VAL A 170 -6.50 -24.82 21.72
CA VAL A 170 -5.94 -23.97 20.67
C VAL A 170 -6.84 -22.77 20.45
N GLY A 171 -8.15 -23.00 20.34
CA GLY A 171 -9.08 -21.90 20.15
C GLY A 171 -9.08 -20.94 21.32
N SER A 172 -9.01 -21.46 22.54
CA SER A 172 -8.96 -20.60 23.71
C SER A 172 -7.70 -19.75 23.72
N THR A 173 -6.56 -20.32 23.31
CA THR A 173 -5.33 -19.55 23.23
C THR A 173 -5.46 -18.42 22.21
N VAL A 174 -6.01 -18.73 21.03
CA VAL A 174 -6.21 -17.67 20.04
C VAL A 174 -7.12 -16.59 20.59
N THR A 175 -8.16 -16.99 21.32
CA THR A 175 -9.09 -16.03 21.90
C THR A 175 -8.38 -15.13 22.90
N PHE A 176 -7.55 -15.71 23.76
CA PHE A 176 -6.83 -14.92 24.74
C PHE A 176 -5.90 -13.92 24.07
N ILE A 177 -5.19 -14.36 23.03
CA ILE A 177 -4.29 -13.44 22.35
C ILE A 177 -5.06 -12.33 21.65
N ALA A 178 -6.19 -12.66 21.03
CA ALA A 178 -7.00 -11.65 20.35
C ALA A 178 -7.57 -10.64 21.34
N GLY A 179 -8.04 -11.12 22.50
CA GLY A 179 -8.54 -10.21 23.51
C GLY A 179 -7.46 -9.31 24.06
N VAL A 180 -6.25 -9.86 24.26
CA VAL A 180 -5.13 -9.03 24.70
C VAL A 180 -4.82 -7.96 23.67
N TYR A 181 -4.81 -8.34 22.39
CA TYR A 181 -4.58 -7.35 21.34
C TYR A 181 -5.65 -6.26 21.36
N GLN A 182 -6.92 -6.66 21.48
CA GLN A 182 -7.99 -5.66 21.50
C GLN A 182 -7.87 -4.73 22.68
N VAL A 183 -7.60 -5.26 23.87
CA VAL A 183 -7.51 -4.41 25.04
C VAL A 183 -6.29 -3.51 24.97
N ALA A 184 -5.19 -4.00 24.39
CA ALA A 184 -4.00 -3.16 24.25
C ALA A 184 -4.26 -2.01 23.28
N MET A 185 -4.93 -2.30 22.17
CA MET A 185 -5.26 -1.23 21.23
C MET A 185 -6.23 -0.23 21.85
N GLY A 186 -7.18 -0.72 22.66
CA GLY A 186 -8.09 0.19 23.33
C GLY A 186 -7.41 1.09 24.34
N PHE A 187 -6.52 0.52 25.15
CA PHE A 187 -5.81 1.32 26.15
C PHE A 187 -4.85 2.29 25.49
N PHE A 188 -4.11 1.84 24.48
CA PHE A 188 -3.14 2.70 23.79
C PHE A 188 -3.81 3.79 22.97
N GLN A 189 -5.13 3.75 22.79
CA GLN A 189 -5.84 4.69 21.94
C GLN A 189 -5.28 4.69 20.53
N VAL A 190 -4.86 3.51 20.08
CA VAL A 190 -4.33 3.31 18.73
C VAL A 190 -5.38 2.63 17.85
N GLY A 191 -6.65 2.79 18.17
CA GLY A 191 -7.72 2.15 17.44
C GLY A 191 -7.96 2.75 16.07
N PHE A 192 -7.16 3.75 15.70
CA PHE A 192 -7.30 4.36 14.39
C PHE A 192 -7.10 3.36 13.27
N VAL A 193 -6.45 2.22 13.53
CA VAL A 193 -6.33 1.16 12.55
C VAL A 193 -7.68 0.62 12.10
N SER A 194 -8.76 1.03 12.75
CA SER A 194 -10.10 0.62 12.35
C SER A 194 -10.62 1.42 11.17
N VAL A 195 -9.91 2.46 10.73
CA VAL A 195 -10.43 3.30 9.64
C VAL A 195 -10.04 2.79 8.26
N TYR A 196 -9.32 1.67 8.17
CA TYR A 196 -8.84 1.15 6.89
C TYR A 196 -9.75 0.07 6.32
N LEU A 197 -11.06 0.15 6.53
CA LEU A 197 -11.96 -0.93 6.14
C LEU A 197 -13.06 -0.51 5.16
N SER A 198 -13.48 0.75 5.16
CA SER A 198 -14.34 1.35 4.14
C SER A 198 -15.78 0.87 4.15
N ASP A 199 -16.09 -0.23 4.85
CA ASP A 199 -17.41 -0.87 4.87
C ASP A 199 -17.76 -1.50 3.53
N ALA A 200 -17.02 -1.14 2.48
CA ALA A 200 -17.18 -1.80 1.19
C ALA A 200 -16.27 -3.01 1.10
N LEU A 201 -15.01 -2.82 1.48
CA LEU A 201 -14.13 -3.93 1.80
C LEU A 201 -14.78 -4.87 2.80
N LEU A 202 -15.45 -4.32 3.82
CA LEU A 202 -16.10 -5.17 4.81
C LEU A 202 -17.26 -5.96 4.22
N SER A 203 -18.10 -5.31 3.41
CA SER A 203 -19.20 -6.05 2.79
C SER A 203 -18.69 -7.15 1.88
N GLY A 204 -17.65 -6.86 1.08
CA GLY A 204 -17.08 -7.89 0.24
C GLY A 204 -16.49 -9.04 1.03
N PHE A 205 -15.78 -8.73 2.12
CA PHE A 205 -15.18 -9.76 2.96
C PHE A 205 -16.26 -10.63 3.59
N VAL A 206 -17.34 -10.02 4.07
CA VAL A 206 -18.43 -10.77 4.67
C VAL A 206 -19.07 -11.68 3.63
N THR A 207 -19.29 -11.19 2.41
CA THR A 207 -19.89 -12.02 1.37
C THR A 207 -18.99 -13.20 1.02
N GLY A 208 -17.69 -12.96 0.90
CA GLY A 208 -16.78 -14.06 0.61
C GLY A 208 -16.79 -15.11 1.69
N ALA A 209 -16.78 -14.68 2.96
CA ALA A 209 -16.86 -15.64 4.04
C ALA A 209 -18.20 -16.37 4.03
N SER A 210 -19.27 -15.69 3.62
CA SER A 210 -20.57 -16.37 3.55
C SER A 210 -20.55 -17.48 2.51
N PHE A 211 -19.93 -17.24 1.35
CA PHE A 211 -19.79 -18.33 0.40
C PHE A 211 -18.92 -19.45 0.95
N THR A 212 -17.85 -19.11 1.67
CA THR A 212 -17.02 -20.17 2.24
C THR A 212 -17.82 -21.03 3.22
N ILE A 213 -18.65 -20.40 4.05
CA ILE A 213 -19.49 -21.16 4.97
C ILE A 213 -20.51 -21.99 4.20
N LEU A 214 -21.01 -21.46 3.09
CA LEU A 214 -21.95 -22.22 2.26
C LEU A 214 -21.32 -23.51 1.76
N THR A 215 -20.12 -23.42 1.19
CA THR A 215 -19.45 -24.63 0.73
C THR A 215 -19.12 -25.56 1.88
N SER A 216 -18.74 -25.02 3.04
CA SER A 216 -18.46 -25.89 4.17
C SER A 216 -19.69 -26.67 4.59
N GLN A 217 -20.86 -26.03 4.60
CA GLN A 217 -22.10 -26.69 4.99
C GLN A 217 -22.68 -27.56 3.87
N ALA A 218 -22.16 -27.45 2.64
CA ALA A 218 -22.70 -28.27 1.56
C ALA A 218 -22.59 -29.76 1.87
N LYS A 219 -21.49 -30.17 2.52
CA LYS A 219 -21.31 -31.59 2.80
C LYS A 219 -22.30 -32.10 3.84
N TYR A 220 -22.72 -31.25 4.78
CA TYR A 220 -23.82 -31.62 5.66
C TYR A 220 -25.15 -31.61 4.92
N LEU A 221 -25.28 -30.71 3.95
CA LEU A 221 -26.50 -30.65 3.14
C LEU A 221 -26.71 -31.94 2.38
N LEU A 222 -25.65 -32.48 1.79
CA LEU A 222 -25.71 -33.71 1.02
C LEU A 222 -25.48 -34.96 1.86
N GLY A 223 -25.20 -34.81 3.15
CA GLY A 223 -24.84 -35.96 3.96
C GLY A 223 -23.61 -36.68 3.46
N LEU A 224 -22.59 -35.92 3.06
CA LEU A 224 -21.41 -36.47 2.43
C LEU A 224 -20.34 -36.73 3.50
N ASN A 225 -19.16 -37.18 3.05
CA ASN A 225 -18.07 -37.49 3.96
C ASN A 225 -16.73 -37.16 3.33
N LEU A 226 -16.63 -36.01 2.66
CA LEU A 226 -15.40 -35.63 2.00
C LEU A 226 -14.31 -35.34 3.02
N PRO A 227 -13.05 -35.60 2.67
CA PRO A 227 -11.95 -35.32 3.60
C PRO A 227 -11.76 -33.82 3.83
N ARG A 228 -11.19 -33.49 4.98
CA ARG A 228 -10.96 -32.10 5.33
C ARG A 228 -9.95 -31.47 4.38
N THR A 229 -10.20 -30.21 4.03
CA THR A 229 -9.35 -29.45 3.13
C THR A 229 -9.09 -28.08 3.72
N ASN A 230 -7.93 -27.50 3.40
CA ASN A 230 -7.56 -26.20 3.90
C ASN A 230 -6.56 -25.54 2.95
N GLY A 231 -6.41 -24.23 3.10
CA GLY A 231 -5.46 -23.47 2.30
C GLY A 231 -6.13 -22.72 1.16
N VAL A 232 -5.29 -22.08 0.37
CA VAL A 232 -5.77 -21.31 -0.77
C VAL A 232 -6.44 -22.25 -1.77
N GLY A 233 -7.63 -21.90 -2.21
CA GLY A 233 -8.41 -22.76 -3.07
C GLY A 233 -9.25 -23.78 -2.33
N SER A 234 -9.56 -23.54 -1.06
CA SER A 234 -10.37 -24.49 -0.30
C SER A 234 -11.75 -24.63 -0.90
N LEU A 235 -12.35 -23.52 -1.35
CA LEU A 235 -13.68 -23.56 -1.92
C LEU A 235 -13.74 -24.47 -3.14
N ILE A 236 -12.84 -24.25 -4.09
CA ILE A 236 -12.86 -25.03 -5.32
C ILE A 236 -12.49 -26.49 -5.04
N THR A 237 -11.56 -26.73 -4.11
CA THR A 237 -11.20 -28.10 -3.78
C THR A 237 -12.37 -28.85 -3.18
N THR A 238 -13.09 -28.22 -2.25
CA THR A 238 -14.26 -28.88 -1.67
C THR A 238 -15.32 -29.12 -2.72
N TRP A 239 -15.53 -28.15 -3.62
CA TRP A 239 -16.53 -28.32 -4.66
C TRP A 239 -16.18 -29.48 -5.59
N ILE A 240 -14.90 -29.59 -5.98
CA ILE A 240 -14.53 -30.68 -6.88
C ILE A 240 -14.58 -32.02 -6.17
N HIS A 241 -14.30 -32.06 -4.87
CA HIS A 241 -14.50 -33.31 -4.13
C HIS A 241 -15.97 -33.71 -4.14
N VAL A 242 -16.86 -32.74 -3.89
CA VAL A 242 -18.29 -33.01 -3.94
C VAL A 242 -18.67 -33.57 -5.30
N PHE A 243 -18.17 -32.95 -6.37
CA PHE A 243 -18.42 -33.47 -7.71
C PHE A 243 -17.87 -34.88 -7.87
N ARG A 244 -16.71 -35.16 -7.27
CA ARG A 244 -16.13 -36.50 -7.38
C ARG A 244 -17.05 -37.55 -6.81
N ASN A 245 -17.64 -37.30 -5.64
CA ASN A 245 -18.56 -38.29 -5.10
C ASN A 245 -19.96 -37.74 -4.83
N ILE A 246 -20.54 -37.05 -5.82
CA ILE A 246 -21.95 -36.65 -5.77
C ILE A 246 -22.83 -37.81 -5.31
N HIS A 247 -22.50 -39.03 -5.74
CA HIS A 247 -23.30 -40.20 -5.40
C HIS A 247 -23.00 -40.66 -3.98
N LYS A 248 -23.42 -41.88 -3.65
CA LYS A 248 -23.21 -42.50 -2.33
C LYS A 248 -23.53 -41.54 -1.19
N THR A 249 -24.73 -40.97 -1.23
CA THR A 249 -25.24 -40.09 -0.19
C THR A 249 -26.15 -40.87 0.75
N ASN A 250 -26.55 -40.20 1.84
CA ASN A 250 -27.45 -40.83 2.78
C ASN A 250 -28.89 -40.84 2.27
N LEU A 251 -29.28 -39.80 1.53
CA LEU A 251 -30.56 -39.71 0.85
C LEU A 251 -31.73 -39.48 1.83
N CYS A 252 -31.44 -39.55 3.12
CA CYS A 252 -32.41 -39.12 4.12
C CYS A 252 -32.09 -37.72 4.61
N ASP A 253 -30.80 -37.44 4.82
CA ASP A 253 -30.38 -36.09 5.15
C ASP A 253 -30.73 -35.13 4.02
N LEU A 254 -30.58 -35.57 2.77
CA LEU A 254 -30.95 -34.72 1.64
C LEU A 254 -32.45 -34.43 1.65
N ILE A 255 -33.28 -35.45 1.93
CA ILE A 255 -34.72 -35.25 1.92
C ILE A 255 -35.15 -34.30 3.04
N THR A 256 -34.63 -34.51 4.25
CA THR A 256 -35.01 -33.62 5.34
C THR A 256 -34.43 -32.21 5.14
N SER A 257 -33.29 -32.10 4.45
CA SER A 257 -32.75 -30.79 4.11
C SER A 257 -33.67 -30.08 3.12
N LEU A 258 -34.21 -30.81 2.15
CA LEU A 258 -35.16 -30.22 1.22
C LEU A 258 -36.41 -29.76 1.95
N LEU A 259 -36.92 -30.58 2.88
CA LEU A 259 -38.10 -30.20 3.64
C LEU A 259 -37.84 -28.95 4.46
N CYS A 260 -36.71 -28.91 5.19
CA CYS A 260 -36.36 -27.73 5.96
C CYS A 260 -36.17 -26.51 5.07
N LEU A 261 -35.60 -26.69 3.87
CA LEU A 261 -35.40 -25.58 2.96
C LEU A 261 -36.72 -24.99 2.51
N LEU A 262 -37.68 -25.85 2.11
CA LEU A 262 -38.94 -25.32 1.60
C LEU A 262 -39.77 -24.71 2.73
N VAL A 263 -39.59 -25.20 3.96
CA VAL A 263 -40.25 -24.53 5.08
C VAL A 263 -39.62 -23.17 5.35
N LEU A 264 -38.28 -23.11 5.37
CA LEU A 264 -37.60 -21.87 5.73
C LEU A 264 -37.81 -20.77 4.69
N LEU A 265 -37.80 -21.13 3.41
CA LEU A 265 -38.07 -20.15 2.37
C LEU A 265 -39.57 -20.09 2.06
N PRO A 283 -40.36 -16.75 14.13
CA PRO A 283 -40.20 -17.97 14.92
C PRO A 283 -40.19 -19.22 14.04
N ILE A 284 -39.94 -19.03 12.74
CA ILE A 284 -39.93 -20.16 11.82
C ILE A 284 -38.80 -21.13 12.16
N GLU A 285 -37.62 -20.58 12.51
CA GLU A 285 -36.48 -21.44 12.83
C GLU A 285 -36.75 -22.30 14.06
N LEU A 286 -37.38 -21.72 15.08
CA LEU A 286 -37.68 -22.50 16.29
C LEU A 286 -38.63 -23.65 15.99
N VAL A 287 -39.68 -23.39 15.21
CA VAL A 287 -40.61 -24.45 14.85
C VAL A 287 -39.90 -25.51 14.00
N VAL A 288 -39.01 -25.06 13.12
CA VAL A 288 -38.30 -26.00 12.25
C VAL A 288 -37.42 -26.93 13.08
N VAL A 289 -36.67 -26.37 14.02
CA VAL A 289 -35.78 -27.20 14.82
C VAL A 289 -36.59 -28.12 15.73
N VAL A 290 -37.72 -27.64 16.25
CA VAL A 290 -38.55 -28.49 17.09
C VAL A 290 -39.09 -29.67 16.30
N ALA A 291 -39.60 -29.39 15.10
CA ALA A 291 -40.13 -30.46 14.25
C ALA A 291 -39.04 -31.45 13.86
N ALA A 292 -37.86 -30.94 13.51
CA ALA A 292 -36.76 -31.82 13.12
C ALA A 292 -36.34 -32.71 14.27
N THR A 293 -36.22 -32.15 15.48
CA THR A 293 -35.85 -32.95 16.63
C THR A 293 -36.90 -34.01 16.93
N LEU A 294 -38.18 -33.63 16.88
CA LEU A 294 -39.25 -34.58 17.16
C LEU A 294 -39.24 -35.71 16.14
N ALA A 295 -39.11 -35.37 14.86
CA ALA A 295 -39.09 -36.40 13.81
C ALA A 295 -37.89 -37.31 13.95
N SER A 296 -36.72 -36.75 14.24
CA SER A 296 -35.52 -37.58 14.39
C SER A 296 -35.66 -38.52 15.57
N HIS A 297 -36.22 -38.04 16.69
CA HIS A 297 -36.37 -38.89 17.86
C HIS A 297 -37.42 -39.98 17.63
N PHE A 298 -38.54 -39.64 17.00
CA PHE A 298 -39.62 -40.60 16.82
C PHE A 298 -39.27 -41.64 15.76
N GLY A 299 -38.75 -41.21 14.62
CA GLY A 299 -38.53 -42.09 13.50
C GLY A 299 -37.23 -42.86 13.48
N LYS A 300 -36.33 -42.59 14.42
CA LYS A 300 -35.02 -43.23 14.47
C LYS A 300 -34.27 -43.04 13.15
N LEU A 301 -33.98 -41.77 12.85
CA LEU A 301 -33.29 -41.44 11.61
C LEU A 301 -31.88 -42.02 11.60
N HIS A 302 -31.17 -41.96 12.73
CA HIS A 302 -29.80 -42.45 12.78
C HIS A 302 -29.70 -43.94 12.53
N GLU A 303 -30.80 -44.68 12.64
CA GLU A 303 -30.78 -46.09 12.27
C GLU A 303 -30.46 -46.30 10.80
N ASN A 304 -30.69 -45.28 9.96
CA ASN A 304 -30.38 -45.33 8.54
C ASN A 304 -29.10 -44.59 8.20
N TYR A 305 -28.11 -44.61 9.09
CA TYR A 305 -26.82 -43.96 8.89
C TYR A 305 -26.97 -42.46 8.62
N ASN A 306 -27.90 -41.81 9.29
CA ASN A 306 -28.10 -40.37 9.16
C ASN A 306 -27.29 -39.67 10.24
N SER A 307 -26.32 -38.87 9.83
CA SER A 307 -25.44 -38.19 10.77
C SER A 307 -26.23 -37.16 11.57
N SER A 308 -26.22 -37.31 12.90
CA SER A 308 -26.99 -36.45 13.78
C SER A 308 -26.11 -35.98 14.93
N ILE A 309 -26.60 -34.95 15.63
CA ILE A 309 -25.84 -34.37 16.73
C ILE A 309 -25.84 -35.33 17.91
N ALA A 310 -24.65 -35.69 18.37
CA ALA A 310 -24.53 -36.55 19.54
C ALA A 310 -24.79 -35.75 20.80
N GLY A 311 -25.04 -36.45 21.90
CA GLY A 311 -25.25 -35.80 23.18
C GLY A 311 -24.06 -34.99 23.64
N HIS A 312 -24.29 -33.71 23.89
CA HIS A 312 -23.26 -32.81 24.39
C HIS A 312 -23.37 -32.71 25.91
N ILE A 313 -22.23 -32.83 26.59
CA ILE A 313 -22.17 -32.94 28.04
C ILE A 313 -22.87 -31.76 28.70
N PRO A 314 -23.99 -31.99 29.39
CA PRO A 314 -24.65 -30.88 30.08
C PRO A 314 -23.79 -30.33 31.20
N THR A 315 -23.91 -29.01 31.41
CA THR A 315 -23.10 -28.32 32.40
C THR A 315 -21.63 -28.64 32.20
N GLY A 316 -20.99 -29.19 33.23
CA GLY A 316 -19.58 -29.54 33.11
C GLY A 316 -18.70 -28.32 33.21
N PHE A 317 -17.65 -28.29 32.38
CA PHE A 317 -16.72 -27.18 32.24
C PHE A 317 -16.29 -26.59 33.57
N MET A 318 -16.32 -27.41 34.63
CA MET A 318 -15.98 -26.92 35.96
C MET A 318 -14.54 -26.41 36.06
N PRO A 319 -13.52 -27.13 35.59
CA PRO A 319 -12.16 -26.62 35.70
C PRO A 319 -11.93 -25.48 34.72
N PRO A 320 -11.61 -24.28 35.21
CA PRO A 320 -11.25 -23.19 34.29
C PRO A 320 -9.82 -23.33 33.79
N LYS A 321 -9.64 -24.23 32.83
CA LYS A 321 -8.31 -24.50 32.29
C LYS A 321 -7.75 -23.27 31.61
N VAL A 322 -6.62 -22.78 32.13
CA VAL A 322 -5.97 -21.60 31.57
C VAL A 322 -5.34 -21.98 30.23
N PRO A 323 -5.11 -21.03 29.33
CA PRO A 323 -4.44 -21.37 28.06
C PRO A 323 -3.05 -21.92 28.29
N GLU A 324 -2.64 -22.84 27.42
CA GLU A 324 -1.35 -23.49 27.57
C GLU A 324 -0.20 -22.48 27.49
N TRP A 325 -0.34 -21.48 26.62
CA TRP A 325 0.59 -20.38 26.39
C TRP A 325 1.83 -20.81 25.65
N ASN A 326 2.05 -22.11 25.44
CA ASN A 326 3.17 -22.54 24.62
C ASN A 326 2.87 -22.34 23.13
N LEU A 327 1.60 -22.40 22.76
CA LEU A 327 1.17 -22.17 21.39
C LEU A 327 0.98 -20.70 21.06
N ILE A 328 1.35 -19.80 21.98
CA ILE A 328 1.13 -18.37 21.76
C ILE A 328 1.83 -17.89 20.49
N PRO A 329 3.11 -18.17 20.25
CA PRO A 329 3.73 -17.69 19.00
C PRO A 329 3.10 -18.25 17.74
N SER A 330 2.54 -19.45 17.81
CA SER A 330 2.00 -20.09 16.61
C SER A 330 0.64 -19.54 16.20
N VAL A 331 0.01 -18.68 17.01
CA VAL A 331 -1.34 -18.23 16.72
C VAL A 331 -1.41 -16.71 16.76
N ALA A 332 -0.30 -16.04 17.06
CA ALA A 332 -0.32 -14.59 17.19
C ALA A 332 -0.70 -13.90 15.88
N VAL A 333 -0.13 -14.38 14.76
CA VAL A 333 -0.39 -13.74 13.48
C VAL A 333 -1.85 -13.88 13.09
N ASP A 334 -2.47 -15.02 13.42
CA ASP A 334 -3.90 -15.19 13.18
C ASP A 334 -4.72 -14.32 14.12
N ALA A 335 -4.29 -14.23 15.39
CA ALA A 335 -5.03 -13.45 16.36
C ALA A 335 -5.04 -11.97 16.00
N ILE A 336 -4.00 -11.49 15.30
CA ILE A 336 -3.99 -10.10 14.88
C ILE A 336 -5.19 -9.79 13.99
N ALA A 337 -5.36 -10.59 12.92
CA ALA A 337 -6.48 -10.38 12.01
C ALA A 337 -7.80 -10.63 12.71
N ILE A 338 -7.85 -11.63 13.59
CA ILE A 338 -9.09 -11.94 14.29
C ILE A 338 -9.53 -10.74 15.12
N SER A 339 -8.60 -10.15 15.87
CA SER A 339 -8.94 -9.02 16.72
C SER A 339 -9.34 -7.81 15.89
N ILE A 340 -8.60 -7.53 14.81
CA ILE A 340 -8.93 -6.39 13.96
C ILE A 340 -10.34 -6.52 13.41
N ILE A 341 -10.66 -7.68 12.82
CA ILE A 341 -11.98 -7.88 12.24
C ILE A 341 -13.05 -7.78 13.32
N GLY A 342 -12.84 -8.44 14.45
CA GLY A 342 -13.86 -8.46 15.48
C GLY A 342 -14.19 -7.06 16.00
N PHE A 343 -13.15 -6.30 16.38
CA PHE A 343 -13.46 -5.01 16.99
C PHE A 343 -13.92 -4.00 15.94
N ALA A 344 -13.44 -4.11 14.70
CA ALA A 344 -13.92 -3.20 13.66
C ALA A 344 -15.40 -3.45 13.37
N ILE A 345 -15.80 -4.72 13.26
CA ILE A 345 -17.20 -5.01 13.02
C ILE A 345 -18.06 -4.57 14.20
N THR A 346 -17.56 -4.80 15.42
CA THR A 346 -18.32 -4.40 16.61
C THR A 346 -18.53 -2.90 16.65
N VAL A 347 -17.47 -2.12 16.43
CA VAL A 347 -17.61 -0.67 16.48
C VAL A 347 -18.47 -0.17 15.33
N SER A 348 -18.37 -0.79 14.15
CA SER A 348 -19.20 -0.37 13.03
C SER A 348 -20.69 -0.59 13.35
N LEU A 349 -21.03 -1.78 13.86
CA LEU A 349 -22.42 -2.06 14.17
C LEU A 349 -22.93 -1.15 15.30
N SER A 350 -22.11 -0.95 16.33
CA SER A 350 -22.51 -0.08 17.43
C SER A 350 -22.74 1.35 16.94
N GLU A 351 -21.83 1.86 16.11
CA GLU A 351 -21.98 3.22 15.61
C GLU A 351 -23.21 3.34 14.71
N MET A 352 -23.47 2.35 13.86
CA MET A 352 -24.61 2.46 12.96
C MET A 352 -25.92 2.43 13.74
N PHE A 353 -26.01 1.55 14.74
CA PHE A 353 -27.22 1.49 15.53
C PHE A 353 -27.39 2.74 16.40
N ALA A 354 -26.29 3.29 16.91
CA ALA A 354 -26.38 4.55 17.66
C ALA A 354 -26.82 5.69 16.76
N LYS A 355 -26.33 5.72 15.52
CA LYS A 355 -26.79 6.72 14.56
C LYS A 355 -28.27 6.53 14.24
N LYS A 356 -28.77 5.29 14.29
CA LYS A 356 -30.20 5.08 14.12
C LYS A 356 -30.98 5.77 15.23
N HIS A 357 -30.53 5.65 16.48
CA HIS A 357 -31.11 6.38 17.60
C HIS A 357 -30.17 6.28 18.78
N GLY A 358 -30.28 7.24 19.69
CA GLY A 358 -29.49 7.23 20.90
C GLY A 358 -28.16 7.94 20.76
N TYR A 359 -27.30 7.43 19.88
CA TYR A 359 -26.03 8.06 19.54
C TYR A 359 -25.17 8.29 20.77
N THR A 360 -24.98 7.24 21.55
CA THR A 360 -24.17 7.31 22.77
C THR A 360 -23.03 6.30 22.78
N VAL A 361 -22.68 5.74 21.63
CA VAL A 361 -21.65 4.71 21.58
C VAL A 361 -20.27 5.35 21.58
N LYS A 362 -19.44 4.96 22.53
CA LYS A 362 -18.05 5.42 22.63
C LYS A 362 -17.16 4.32 22.09
N ALA A 363 -16.36 4.64 21.06
CA ALA A 363 -15.58 3.62 20.37
C ALA A 363 -14.59 2.95 21.32
N ASN A 364 -13.93 3.74 22.18
CA ASN A 364 -12.95 3.17 23.09
C ASN A 364 -13.60 2.22 24.09
N GLN A 365 -14.79 2.57 24.58
CA GLN A 365 -15.50 1.69 25.50
C GLN A 365 -15.88 0.38 24.83
N GLU A 366 -16.32 0.44 23.57
CA GLU A 366 -16.63 -0.79 22.85
C GLU A 366 -15.38 -1.63 22.62
N MET A 367 -14.24 -0.97 22.34
CA MET A 367 -13.00 -1.72 22.19
C MET A 367 -12.66 -2.45 23.50
N TYR A 368 -12.79 -1.75 24.62
CA TYR A 368 -12.53 -2.38 25.91
C TYR A 368 -13.48 -3.55 26.15
N ALA A 369 -14.75 -3.38 25.80
CA ALA A 369 -15.74 -4.41 26.04
C ALA A 369 -15.49 -5.65 25.18
N ILE A 370 -15.20 -5.45 23.90
CA ILE A 370 -14.91 -6.58 23.03
C ILE A 370 -13.60 -7.25 23.45
N GLY A 371 -12.68 -6.48 24.02
CA GLY A 371 -11.47 -7.10 24.56
C GLY A 371 -11.75 -7.99 25.75
N PHE A 372 -12.59 -7.50 26.68
CA PHE A 372 -12.93 -8.30 27.84
C PHE A 372 -13.98 -9.36 27.54
N CYS A 373 -14.56 -9.33 26.35
CA CYS A 373 -15.41 -10.41 25.87
C CYS A 373 -14.61 -11.52 25.21
N ASN A 374 -13.28 -11.42 25.21
CA ASN A 374 -12.44 -12.47 24.64
C ASN A 374 -11.32 -12.89 25.58
N ILE A 375 -11.33 -12.46 26.84
CA ILE A 375 -10.27 -12.80 27.77
C ILE A 375 -10.88 -13.61 28.92
N ILE A 376 -11.84 -13.01 29.63
CA ILE A 376 -12.52 -13.73 30.69
C ILE A 376 -13.20 -14.99 30.17
N PRO A 377 -13.97 -14.96 29.08
CA PRO A 377 -14.50 -16.22 28.54
C PRO A 377 -13.42 -17.14 28.01
N SER A 378 -12.27 -16.60 27.58
CA SER A 378 -11.21 -17.43 27.05
C SER A 378 -10.71 -18.42 28.09
N PHE A 379 -10.68 -18.00 29.35
CA PHE A 379 -10.31 -18.91 30.43
C PHE A 379 -11.42 -19.92 30.72
N PHE A 380 -12.62 -19.71 30.19
CA PHE A 380 -13.77 -20.57 30.45
C PHE A 380 -14.20 -21.36 29.23
N HIS A 381 -13.23 -21.85 28.45
CA HIS A 381 -13.49 -22.71 27.29
C HIS A 381 -14.40 -22.01 26.28
N CYS A 382 -13.89 -20.93 25.70
CA CYS A 382 -14.57 -20.19 24.66
C CYS A 382 -13.61 -19.99 23.49
N PHE A 383 -14.17 -19.80 22.28
CA PHE A 383 -13.29 -19.69 21.13
C PHE A 383 -13.20 -18.28 20.55
N THR A 384 -14.26 -17.49 20.56
CA THR A 384 -14.17 -16.12 20.08
C THR A 384 -15.48 -15.39 20.41
N THR A 385 -15.46 -14.08 20.17
CA THR A 385 -16.64 -13.25 20.39
C THR A 385 -16.55 -12.02 19.50
N SER A 386 -17.67 -11.66 18.89
CA SER A 386 -17.77 -10.43 18.11
C SER A 386 -19.24 -10.11 17.90
N ALA A 387 -19.49 -8.91 17.38
CA ALA A 387 -20.90 -8.49 17.13
C ALA A 387 -21.43 -9.23 15.91
N ALA A 388 -22.52 -9.98 16.09
CA ALA A 388 -23.09 -10.79 14.99
C ALA A 388 -24.03 -9.93 14.14
N LEU A 389 -23.85 -9.95 12.82
CA LEU A 389 -24.71 -9.14 11.91
C LEU A 389 -26.12 -9.72 11.91
N ALA A 390 -26.26 -11.02 11.64
CA ALA A 390 -27.61 -11.64 11.55
C ALA A 390 -28.31 -11.58 12.90
N LYS A 391 -27.70 -12.12 13.94
CA LYS A 391 -28.46 -12.07 15.19
C LYS A 391 -28.97 -10.64 15.33
N THR A 392 -28.10 -9.64 15.28
CA THR A 392 -28.55 -8.26 15.58
C THR A 392 -29.87 -8.01 14.83
N LEU A 393 -29.97 -8.48 13.60
CA LEU A 393 -31.22 -8.31 12.80
C LEU A 393 -32.36 -9.07 13.48
N VAL A 394 -32.07 -10.29 13.95
CA VAL A 394 -33.10 -11.11 14.64
C VAL A 394 -33.61 -10.33 15.86
N LYS A 395 -32.69 -9.80 16.68
CA LYS A 395 -33.08 -9.05 17.90
C LYS A 395 -33.87 -7.81 17.49
N GLU A 396 -33.41 -7.10 16.46
CA GLU A 396 -34.09 -5.86 16.01
C GLU A 396 -35.00 -6.17 14.82
N GLN A 403 -29.22 -3.48 26.78
CA GLN A 403 -28.75 -4.85 26.57
C GLN A 403 -29.39 -5.80 27.56
N LEU A 404 -30.40 -5.31 28.28
CA LEU A 404 -31.07 -6.14 29.28
C LEU A 404 -31.66 -7.39 28.65
N SER A 405 -32.27 -7.25 27.47
CA SER A 405 -32.82 -8.40 26.78
C SER A 405 -31.75 -9.46 26.51
N GLY A 406 -30.49 -9.02 26.34
CA GLY A 406 -29.41 -9.98 26.16
C GLY A 406 -29.32 -10.94 27.33
N VAL A 407 -29.53 -10.45 28.55
CA VAL A 407 -29.55 -11.33 29.72
C VAL A 407 -30.55 -12.45 29.52
N VAL A 408 -31.73 -12.12 28.99
CA VAL A 408 -32.75 -13.14 28.74
C VAL A 408 -32.15 -14.25 27.89
N THR A 409 -31.46 -13.87 26.81
CA THR A 409 -30.80 -14.86 25.97
C THR A 409 -29.91 -15.76 26.80
N ALA A 410 -29.04 -15.16 27.61
CA ALA A 410 -28.15 -15.94 28.46
C ALA A 410 -28.96 -16.90 29.32
N LEU A 411 -30.05 -16.41 29.92
CA LEU A 411 -30.89 -17.27 30.74
C LEU A 411 -31.33 -18.49 29.95
N VAL A 412 -31.87 -18.26 28.75
CA VAL A 412 -32.29 -19.39 27.91
C VAL A 412 -31.11 -20.32 27.68
N LEU A 413 -29.95 -19.74 27.32
CA LEU A 413 -28.76 -20.56 27.13
C LEU A 413 -28.47 -21.37 28.37
N LEU A 414 -28.53 -20.74 29.54
CA LEU A 414 -28.28 -21.45 30.78
C LEU A 414 -29.24 -22.62 30.94
N LEU A 415 -30.52 -22.38 30.63
CA LEU A 415 -31.48 -23.47 30.69
C LEU A 415 -31.11 -24.57 29.72
N VAL A 416 -30.70 -24.20 28.50
CA VAL A 416 -30.23 -25.18 27.53
C VAL A 416 -28.97 -25.86 28.05
N LEU A 417 -28.17 -25.13 28.82
CA LEU A 417 -26.99 -25.72 29.42
C LEU A 417 -27.29 -26.41 30.74
N LEU A 418 -28.51 -26.29 31.27
CA LEU A 418 -28.84 -26.95 32.52
C LEU A 418 -29.66 -28.22 32.32
N VAL A 419 -30.84 -28.10 31.71
CA VAL A 419 -31.75 -29.24 31.59
C VAL A 419 -32.29 -29.45 30.19
N ILE A 420 -32.21 -28.46 29.29
CA ILE A 420 -32.79 -28.61 27.96
C ILE A 420 -31.80 -29.22 26.97
N ALA A 421 -30.57 -29.51 27.40
CA ALA A 421 -29.58 -30.08 26.49
C ALA A 421 -30.02 -31.38 25.85
N PRO A 422 -30.52 -32.39 26.57
CA PRO A 422 -30.91 -33.63 25.89
C PRO A 422 -32.08 -33.45 24.95
N LEU A 423 -32.83 -32.36 25.09
CA LEU A 423 -33.90 -32.09 24.14
C LEU A 423 -33.39 -31.71 22.77
N PHE A 424 -32.08 -31.49 22.62
CA PHE A 424 -31.53 -31.02 21.36
C PHE A 424 -30.63 -32.02 20.67
N TYR A 425 -30.25 -33.11 21.33
CA TYR A 425 -29.36 -34.08 20.69
C TYR A 425 -30.18 -34.96 19.74
N SER A 426 -29.48 -35.84 19.02
CA SER A 426 -30.07 -36.68 17.99
C SER A 426 -30.88 -35.83 17.01
N LEU A 427 -30.21 -34.80 16.49
CA LEU A 427 -30.82 -33.88 15.53
C LEU A 427 -29.92 -33.87 14.31
N GLN A 428 -30.52 -34.03 13.13
CA GLN A 428 -29.75 -34.21 11.91
C GLN A 428 -28.92 -32.97 11.59
N LYS A 429 -27.66 -33.19 11.22
CA LYS A 429 -26.78 -32.08 10.93
C LYS A 429 -27.20 -31.30 9.70
N SER A 430 -28.04 -31.88 8.83
CA SER A 430 -28.51 -31.16 7.66
C SER A 430 -29.39 -29.99 8.05
N VAL A 431 -30.15 -30.12 9.13
CA VAL A 431 -30.98 -29.01 9.60
C VAL A 431 -30.11 -27.83 10.01
N LEU A 432 -28.99 -28.11 10.68
CA LEU A 432 -28.05 -27.05 11.01
C LEU A 432 -27.49 -26.41 9.74
N GLY A 433 -27.23 -27.22 8.72
CA GLY A 433 -26.73 -26.69 7.46
C GLY A 433 -27.72 -25.74 6.81
N VAL A 434 -28.99 -26.14 6.74
CA VAL A 434 -29.97 -25.26 6.10
C VAL A 434 -30.22 -24.02 6.94
N ILE A 435 -30.15 -24.13 8.27
CA ILE A 435 -30.28 -22.95 9.10
C ILE A 435 -29.14 -21.98 8.82
N THR A 436 -27.91 -22.50 8.71
CA THR A 436 -26.78 -21.65 8.39
C THR A 436 -26.95 -21.01 7.02
N ILE A 437 -27.49 -21.75 6.06
CA ILE A 437 -27.67 -21.22 4.71
C ILE A 437 -28.68 -20.07 4.71
N VAL A 438 -29.83 -20.28 5.36
CA VAL A 438 -30.84 -19.24 5.40
C VAL A 438 -30.37 -18.05 6.22
N ASN A 439 -29.39 -18.21 7.10
CA ASN A 439 -28.88 -17.01 7.84
C ASN A 439 -27.85 -16.31 6.96
N LEU A 440 -27.12 -17.04 6.16
CA LEU A 440 -26.23 -16.39 5.22
C LEU A 440 -26.97 -15.73 4.06
N ARG A 441 -28.25 -16.04 3.88
CA ARG A 441 -29.04 -15.37 2.84
C ARG A 441 -29.02 -13.86 3.02
N GLY A 442 -28.99 -13.38 4.25
CA GLY A 442 -28.99 -11.95 4.49
C GLY A 442 -27.75 -11.26 3.93
N ALA A 443 -26.58 -11.87 4.12
CA ALA A 443 -25.37 -11.33 3.52
C ALA A 443 -25.30 -11.60 2.02
N LEU A 444 -25.92 -12.69 1.57
CA LEU A 444 -25.91 -13.00 0.14
C LEU A 444 -26.77 -12.04 -0.66
N ARG A 445 -27.80 -11.46 -0.04
CA ARG A 445 -28.68 -10.55 -0.77
C ARG A 445 -27.98 -9.29 -1.23
N LYS A 446 -26.77 -9.01 -0.72
CA LYS A 446 -26.02 -7.84 -1.16
C LYS A 446 -25.75 -7.85 -2.66
N PHE A 447 -25.79 -9.03 -3.28
CA PHE A 447 -25.60 -9.11 -4.72
C PHE A 447 -26.70 -8.40 -5.48
N ARG A 448 -27.93 -8.44 -4.96
CA ARG A 448 -29.06 -7.91 -5.70
C ARG A 448 -28.91 -6.42 -5.97
N ASP A 449 -28.33 -5.68 -5.02
CA ASP A 449 -28.17 -4.24 -5.14
C ASP A 449 -26.78 -3.85 -5.65
N LEU A 450 -26.13 -4.74 -6.40
CA LEU A 450 -24.86 -4.38 -7.02
C LEU A 450 -24.96 -3.19 -7.97
N PRO A 451 -25.97 -3.07 -8.84
CA PRO A 451 -26.04 -1.88 -9.70
C PRO A 451 -26.12 -0.58 -8.92
N LYS A 452 -26.78 -0.59 -7.76
CA LYS A 452 -26.85 0.63 -6.96
C LYS A 452 -25.46 1.06 -6.50
N MET A 453 -24.63 0.10 -6.09
CA MET A 453 -23.25 0.43 -5.75
C MET A 453 -22.47 0.90 -6.97
N TRP A 454 -22.70 0.28 -8.12
CA TRP A 454 -21.98 0.70 -9.32
C TRP A 454 -22.31 2.13 -9.70
N SER A 455 -23.58 2.50 -9.58
CA SER A 455 -23.99 3.85 -9.96
C SER A 455 -23.36 4.90 -9.05
N ILE A 456 -23.30 4.62 -7.74
CA ILE A 456 -22.81 5.62 -6.80
C ILE A 456 -21.33 5.89 -7.02
N SER A 457 -20.53 4.83 -7.08
CA SER A 457 -19.06 4.97 -7.29
C SER A 457 -18.52 3.68 -7.91
N ARG A 458 -17.78 3.78 -9.02
CA ARG A 458 -17.34 2.56 -9.71
C ARG A 458 -16.14 1.92 -9.00
N MET A 459 -15.18 2.71 -8.53
CA MET A 459 -13.96 2.14 -7.92
C MET A 459 -14.33 1.34 -6.68
N ASP A 460 -15.32 1.83 -5.90
CA ASP A 460 -15.77 1.07 -4.71
C ASP A 460 -16.33 -0.29 -5.15
N THR A 461 -17.18 -0.31 -6.18
CA THR A 461 -17.69 -1.58 -6.67
C THR A 461 -16.54 -2.50 -7.08
N VAL A 462 -15.52 -1.95 -7.72
CA VAL A 462 -14.37 -2.76 -8.11
C VAL A 462 -13.66 -3.31 -6.88
N ILE A 463 -13.50 -2.47 -5.84
CA ILE A 463 -12.85 -2.93 -4.57
C ILE A 463 -13.72 -4.03 -3.96
N TRP A 464 -15.03 -3.85 -3.97
CA TRP A 464 -15.94 -4.84 -3.38
C TRP A 464 -15.79 -6.18 -4.08
N PHE A 465 -15.77 -6.17 -5.41
CA PHE A 465 -15.64 -7.42 -6.15
C PHE A 465 -14.28 -8.07 -5.94
N VAL A 466 -13.21 -7.27 -5.92
CA VAL A 466 -11.88 -7.82 -5.71
C VAL A 466 -11.80 -8.48 -4.34
N THR A 467 -12.33 -7.82 -3.31
CA THR A 467 -12.32 -8.40 -1.98
C THR A 467 -13.17 -9.66 -1.91
N MET A 468 -14.34 -9.66 -2.56
CA MET A 468 -15.14 -10.87 -2.61
C MET A 468 -14.36 -12.04 -3.20
N LEU A 469 -13.77 -11.83 -4.37
CA LEU A 469 -13.04 -12.91 -5.03
C LEU A 469 -11.87 -13.37 -4.18
N SER A 470 -11.13 -12.43 -3.58
CA SER A 470 -9.97 -12.81 -2.80
C SER A 470 -10.34 -13.49 -1.50
N SER A 471 -11.53 -13.21 -0.96
CA SER A 471 -11.96 -13.81 0.28
C SER A 471 -12.79 -15.07 0.09
N ALA A 472 -13.15 -15.41 -1.14
CA ALA A 472 -13.86 -16.65 -1.41
C ALA A 472 -12.95 -17.71 -2.03
N LEU A 473 -12.31 -17.40 -3.16
CA LEU A 473 -11.46 -18.38 -3.81
C LEU A 473 -10.18 -18.61 -3.01
N LEU A 474 -9.54 -17.56 -2.54
CA LEU A 474 -8.34 -17.68 -1.74
C LEU A 474 -8.72 -17.80 -0.27
N SER A 475 -7.72 -17.80 0.61
CA SER A 475 -8.02 -17.92 2.03
C SER A 475 -8.63 -16.63 2.56
N THR A 476 -9.25 -16.74 3.74
CA THR A 476 -9.95 -15.61 4.32
C THR A 476 -8.99 -14.49 4.71
N GLU A 477 -7.92 -14.81 5.45
CA GLU A 477 -6.98 -13.79 5.88
C GLU A 477 -6.30 -13.12 4.69
N ILE A 478 -5.88 -13.91 3.72
CA ILE A 478 -5.29 -13.35 2.50
C ILE A 478 -6.30 -12.47 1.79
N GLY A 479 -7.57 -12.85 1.80
CA GLY A 479 -8.58 -12.02 1.19
C GLY A 479 -8.71 -10.66 1.84
N LEU A 480 -8.75 -10.64 3.18
CA LEU A 480 -8.87 -9.36 3.87
C LEU A 480 -7.64 -8.48 3.63
N LEU A 481 -6.44 -9.08 3.69
CA LEU A 481 -5.24 -8.30 3.44
C LEU A 481 -5.22 -7.76 2.02
N VAL A 482 -5.62 -8.58 1.05
CA VAL A 482 -5.70 -8.13 -0.33
C VAL A 482 -6.67 -6.97 -0.45
N GLY A 483 -7.76 -7.04 0.32
CA GLY A 483 -8.74 -5.95 0.32
C GLY A 483 -8.16 -4.65 0.85
N VAL A 484 -7.63 -4.67 2.08
CA VAL A 484 -7.12 -3.41 2.71
C VAL A 484 -6.08 -2.79 1.78
N CYS A 485 -5.12 -3.59 1.32
CA CYS A 485 -4.03 -3.05 0.46
C CYS A 485 -4.61 -2.51 -0.85
N PHE A 486 -5.55 -3.22 -1.45
CA PHE A 486 -6.10 -2.80 -2.77
C PHE A 486 -6.78 -1.43 -2.60
N SER A 487 -7.50 -1.23 -1.50
CA SER A 487 -8.18 0.07 -1.26
C SER A 487 -7.13 1.17 -1.15
N ILE A 488 -6.05 0.93 -0.38
CA ILE A 488 -4.99 1.95 -0.22
C ILE A 488 -4.42 2.27 -1.61
N PHE A 489 -4.19 1.24 -2.42
CA PHE A 489 -3.62 1.46 -3.78
C PHE A 489 -4.62 2.25 -4.64
N CYS A 490 -5.91 1.98 -4.50
CA CYS A 490 -6.91 2.64 -5.37
C CYS A 490 -6.85 4.15 -5.14
N VAL A 491 -6.67 4.59 -3.89
CA VAL A 491 -6.51 6.04 -3.63
C VAL A 491 -5.34 6.55 -4.48
N ILE A 492 -4.25 5.79 -4.52
CA ILE A 492 -3.04 6.19 -5.30
C ILE A 492 -3.43 6.26 -6.78
N LEU A 493 -4.25 5.34 -7.27
CA LEU A 493 -4.59 5.33 -8.73
C LEU A 493 -5.33 6.61 -9.08
N ARG A 494 -6.24 7.07 -8.23
CA ARG A 494 -7.03 8.31 -8.50
C ARG A 494 -6.07 9.47 -8.70
N THR A 495 -5.04 9.57 -7.86
CA THR A 495 -4.00 10.63 -8.04
C THR A 495 -3.23 10.42 -9.35
N GLN A 496 -2.90 9.18 -9.74
CA GLN A 496 -2.03 8.98 -10.92
C GLN A 496 -2.69 9.53 -12.16
N LYS A 497 -3.98 9.29 -12.33
CA LYS A 497 -4.66 9.94 -13.48
C LYS A 497 -5.49 11.03 -12.88
N PRO A 498 -5.18 12.30 -13.12
CA PRO A 498 -5.87 13.37 -12.46
C PRO A 498 -6.62 14.30 -13.42
N LYS A 499 -7.87 14.61 -13.12
CA LYS A 499 -8.57 15.58 -13.98
C LYS A 499 -7.68 16.80 -14.16
N SER A 500 -7.68 17.41 -15.34
CA SER A 500 -6.84 18.56 -15.67
C SER A 500 -7.50 19.28 -16.84
N SER A 501 -7.66 20.59 -16.71
CA SER A 501 -8.35 21.31 -17.75
C SER A 501 -7.99 22.80 -17.70
N LEU A 502 -8.32 23.48 -18.80
CA LEU A 502 -8.18 24.93 -18.84
C LEU A 502 -9.34 25.57 -18.10
N LEU A 503 -9.14 26.83 -17.71
CA LEU A 503 -10.12 27.58 -16.94
C LEU A 503 -10.62 28.76 -17.74
N GLY A 504 -11.92 29.03 -17.61
CA GLY A 504 -12.54 30.16 -18.27
C GLY A 504 -13.26 31.03 -17.27
N LEU A 505 -13.31 32.32 -17.60
CA LEU A 505 -13.93 33.31 -16.73
C LEU A 505 -15.44 33.32 -16.94
N VAL A 506 -16.19 33.38 -15.85
CA VAL A 506 -17.64 33.44 -15.89
C VAL A 506 -18.07 34.90 -15.95
N GLU A 507 -18.98 35.20 -16.87
CA GLU A 507 -19.36 36.58 -17.15
C GLU A 507 -19.93 37.27 -15.92
N GLU A 508 -19.51 38.52 -15.72
CA GLU A 508 -20.02 39.38 -14.64
C GLU A 508 -19.81 38.73 -13.27
N SER A 509 -18.66 38.07 -13.10
CA SER A 509 -18.33 37.44 -11.84
C SER A 509 -16.83 37.14 -11.84
N GLU A 510 -16.32 36.78 -10.66
CA GLU A 510 -14.93 36.38 -10.50
C GLU A 510 -14.77 34.87 -10.48
N VAL A 511 -15.83 34.12 -10.78
CA VAL A 511 -15.78 32.67 -10.74
C VAL A 511 -15.04 32.16 -11.97
N PHE A 512 -14.11 31.24 -11.77
CA PHE A 512 -13.35 30.64 -12.85
C PHE A 512 -13.70 29.15 -12.93
N GLU A 513 -14.34 28.74 -14.02
CA GLU A 513 -14.84 27.39 -14.15
C GLU A 513 -13.98 26.62 -15.16
N SER A 514 -14.30 25.34 -15.34
CA SER A 514 -13.53 24.50 -16.25
C SER A 514 -14.18 24.50 -17.63
N VAL A 515 -13.38 24.88 -18.65
CA VAL A 515 -13.92 24.95 -20.01
C VAL A 515 -14.15 23.57 -20.60
N SER A 516 -13.52 22.53 -20.04
CA SER A 516 -13.74 21.19 -20.56
C SER A 516 -15.07 20.63 -20.06
N ALA A 517 -15.64 21.22 -19.02
CA ALA A 517 -16.91 20.75 -18.47
C ALA A 517 -18.03 21.76 -18.55
N TYR A 518 -17.72 23.06 -18.64
CA TYR A 518 -18.73 24.11 -18.68
C TYR A 518 -18.58 24.90 -19.97
N LYS A 519 -19.72 25.21 -20.60
CA LYS A 519 -19.73 25.91 -21.87
C LYS A 519 -19.96 27.40 -21.66
N ASN A 520 -19.85 28.17 -22.75
CA ASN A 520 -20.01 29.62 -22.73
C ASN A 520 -19.08 30.27 -21.71
N LEU A 521 -17.79 29.98 -21.85
CA LEU A 521 -16.76 30.53 -20.98
C LEU A 521 -15.78 31.33 -21.83
N GLN A 522 -15.39 32.51 -21.34
CA GLN A 522 -14.55 33.43 -22.10
C GLN A 522 -13.10 33.28 -21.67
N ILE A 523 -12.22 33.15 -22.66
CA ILE A 523 -10.77 33.10 -22.44
C ILE A 523 -10.13 34.11 -23.37
N LYS A 524 -9.53 35.15 -22.80
CA LYS A 524 -8.82 36.13 -23.61
C LYS A 524 -7.56 35.50 -24.21
N PRO A 525 -7.12 35.98 -25.38
CA PRO A 525 -5.96 35.35 -26.02
C PRO A 525 -4.68 35.68 -25.28
N GLY A 526 -3.76 34.71 -25.28
CA GLY A 526 -2.49 34.86 -24.62
C GLY A 526 -2.47 34.50 -23.15
N ILE A 527 -3.63 34.20 -22.56
CA ILE A 527 -3.72 33.75 -21.17
C ILE A 527 -4.27 32.34 -21.18
N LYS A 528 -3.59 31.43 -20.50
CA LYS A 528 -4.08 30.07 -20.34
C LYS A 528 -3.96 29.66 -18.88
N ILE A 529 -5.09 29.38 -18.25
CA ILE A 529 -5.16 29.05 -16.83
C ILE A 529 -5.31 27.55 -16.72
N PHE A 530 -4.26 26.86 -16.29
CA PHE A 530 -4.28 25.42 -16.16
C PHE A 530 -4.73 25.02 -14.76
N ARG A 531 -5.53 23.95 -14.67
CA ARG A 531 -6.03 23.47 -13.40
C ARG A 531 -5.78 21.97 -13.30
N PHE A 532 -5.11 21.58 -12.21
CA PHE A 532 -4.71 20.20 -11.93
C PHE A 532 -5.39 19.78 -10.64
N VAL A 533 -6.39 18.90 -10.73
CA VAL A 533 -7.27 18.67 -9.59
C VAL A 533 -6.53 17.92 -8.48
N ALA A 534 -5.67 16.98 -8.84
CA ALA A 534 -5.04 16.11 -7.85
C ALA A 534 -3.78 16.73 -7.24
N PRO A 535 -3.31 16.20 -6.11
CA PRO A 535 -2.02 16.66 -5.57
C PRO A 535 -0.89 16.40 -6.54
N LEU A 536 0.17 17.21 -6.44
CA LEU A 536 1.36 17.05 -7.33
C LEU A 536 2.51 16.44 -6.53
N TYR A 537 2.85 15.18 -6.81
CA TYR A 537 3.98 14.51 -6.11
C TYR A 537 4.71 13.58 -7.10
N TYR A 538 5.56 12.68 -6.59
CA TYR A 538 6.38 11.81 -7.47
C TYR A 538 5.54 10.90 -8.35
N ILE A 539 4.27 10.68 -8.00
CA ILE A 539 3.49 9.70 -8.76
C ILE A 539 2.92 10.33 -10.03
N ASN A 540 2.35 11.53 -9.93
CA ASN A 540 1.74 12.17 -11.08
C ASN A 540 2.57 13.32 -11.62
N LYS A 541 3.84 13.40 -11.24
CA LYS A 541 4.71 14.46 -11.74
C LYS A 541 4.77 14.45 -13.25
N GLU A 542 5.02 13.27 -13.83
CA GLU A 542 5.06 13.15 -15.29
C GLU A 542 3.70 13.46 -15.90
N CYS A 543 2.62 13.02 -15.25
CA CYS A 543 1.28 13.31 -15.76
C CYS A 543 1.00 14.80 -15.74
N PHE A 544 1.40 15.50 -14.67
CA PHE A 544 1.19 16.94 -14.60
C PHE A 544 1.96 17.64 -15.72
N LYS A 545 3.23 17.25 -15.91
CA LYS A 545 4.02 17.88 -16.96
C LYS A 545 3.42 17.62 -18.33
N SER A 546 3.00 16.38 -18.59
CA SER A 546 2.44 16.05 -19.90
C SER A 546 1.13 16.78 -20.15
N ALA A 547 0.25 16.84 -19.16
CA ALA A 547 -1.01 17.55 -19.34
C ALA A 547 -0.77 19.03 -19.59
N LEU A 548 0.14 19.64 -18.83
CA LEU A 548 0.42 21.05 -19.05
C LEU A 548 1.04 21.28 -20.43
N TYR A 549 1.92 20.40 -20.86
CA TYR A 549 2.51 20.53 -22.19
C TYR A 549 1.49 20.32 -23.29
N LYS A 550 0.44 19.55 -23.02
CA LYS A 550 -0.57 19.28 -24.04
C LYS A 550 -1.56 20.43 -24.16
N GLN A 551 -2.14 20.88 -23.05
CA GLN A 551 -3.11 21.96 -23.12
C GLN A 551 -2.47 23.25 -23.57
N THR A 552 -1.37 23.64 -22.95
CA THR A 552 -0.61 24.81 -23.37
C THR A 552 0.44 24.37 -24.39
N VAL A 553 1.40 25.24 -24.67
CA VAL A 553 2.47 24.89 -25.59
C VAL A 553 3.52 24.06 -24.86
N ASN A 554 4.35 23.36 -25.65
CA ASN A 554 5.42 22.54 -25.11
C ASN A 554 6.72 23.32 -25.18
N PRO A 555 7.27 23.78 -24.04
CA PRO A 555 8.47 24.61 -24.10
C PRO A 555 9.69 23.91 -24.67
N ILE A 556 9.85 22.62 -24.39
CA ILE A 556 11.06 21.92 -24.83
C ILE A 556 11.09 21.81 -26.35
N LEU A 557 9.97 21.39 -26.94
CA LEU A 557 9.93 21.24 -28.40
C LEU A 557 10.10 22.58 -29.11
N ILE A 558 9.46 23.63 -28.61
CA ILE A 558 9.59 24.93 -29.26
C ILE A 558 11.02 25.44 -29.12
N LYS A 559 11.64 25.21 -27.96
CA LYS A 559 13.04 25.62 -27.78
C LYS A 559 13.96 24.88 -28.72
N VAL A 560 13.75 23.56 -28.89
CA VAL A 560 14.60 22.81 -29.79
C VAL A 560 14.37 23.24 -31.23
N ALA A 561 13.14 23.62 -31.57
CA ALA A 561 12.87 24.13 -32.91
C ALA A 561 13.58 25.46 -33.13
N TRP A 562 13.57 26.33 -32.12
CA TRP A 562 14.29 27.59 -32.23
C TRP A 562 15.79 27.38 -32.39
N LYS A 563 16.34 26.44 -31.62
CA LYS A 563 17.76 26.13 -31.75
C LYS A 563 18.08 25.57 -33.13
N LYS A 564 17.20 24.73 -33.67
CA LYS A 564 17.39 24.23 -35.02
C LYS A 564 17.35 25.36 -36.04
N ALA A 565 16.43 26.30 -35.87
CA ALA A 565 16.31 27.42 -36.78
C ALA A 565 17.45 28.42 -36.57
N GLU A 594 2.29 33.99 -29.44
CA GLU A 594 0.92 34.23 -28.98
C GLU A 594 0.85 34.18 -27.47
N LEU A 595 0.80 32.96 -26.92
CA LEU A 595 0.62 32.79 -25.48
C LEU A 595 1.85 33.31 -24.73
N HIS A 596 1.61 34.22 -23.78
CA HIS A 596 2.69 34.92 -23.11
C HIS A 596 2.74 34.67 -21.60
N THR A 597 1.63 34.34 -20.96
CA THR A 597 1.66 34.03 -19.54
C THR A 597 0.76 32.82 -19.28
N ILE A 598 1.15 32.01 -18.29
CA ILE A 598 0.38 30.84 -17.88
C ILE A 598 0.10 30.96 -16.39
N VAL A 599 -1.17 30.88 -16.02
CA VAL A 599 -1.61 30.99 -14.64
C VAL A 599 -1.92 29.58 -14.16
N ILE A 600 -1.03 29.01 -13.35
CA ILE A 600 -1.21 27.66 -12.84
C ILE A 600 -2.01 27.75 -11.56
N ASP A 601 -3.26 27.28 -11.59
CA ASP A 601 -4.12 27.30 -10.42
C ASP A 601 -3.76 26.11 -9.53
N CYS A 602 -3.36 26.40 -8.29
CA CYS A 602 -2.96 25.37 -7.35
C CYS A 602 -3.97 25.22 -6.22
N SER A 603 -5.22 25.62 -6.47
CA SER A 603 -6.22 25.60 -5.41
C SER A 603 -6.47 24.18 -4.92
N ALA A 604 -6.50 23.22 -5.84
CA ALA A 604 -6.78 21.84 -5.48
C ALA A 604 -5.53 21.04 -5.16
N ILE A 605 -4.34 21.64 -5.27
CA ILE A 605 -3.08 20.89 -5.02
C ILE A 605 -2.81 20.88 -3.51
N GLN A 606 -3.23 19.82 -2.80
CA GLN A 606 -3.09 19.78 -1.32
C GLN A 606 -1.64 19.80 -0.82
N PHE A 607 -0.76 18.99 -1.40
CA PHE A 607 0.64 18.92 -0.90
C PHE A 607 1.62 18.87 -2.07
N LEU A 608 2.87 19.28 -1.84
CA LEU A 608 3.90 19.25 -2.91
C LEU A 608 5.14 18.54 -2.35
N ASP A 609 5.38 17.30 -2.77
CA ASP A 609 6.56 16.53 -2.29
C ASP A 609 7.82 17.10 -2.92
N THR A 610 9.00 16.62 -2.50
CA THR A 610 10.29 17.18 -3.03
C THR A 610 10.24 17.19 -4.55
N ALA A 611 9.70 16.14 -5.16
CA ALA A 611 9.64 16.05 -6.64
C ALA A 611 8.78 17.19 -7.18
N GLY A 612 7.69 17.53 -6.47
CA GLY A 612 6.82 18.63 -6.91
C GLY A 612 7.57 19.94 -6.97
N ILE A 613 8.34 20.24 -5.93
CA ILE A 613 9.13 21.52 -5.90
C ILE A 613 10.04 21.54 -7.11
N HIS A 614 10.71 20.42 -7.40
CA HIS A 614 11.61 20.37 -8.55
C HIS A 614 10.84 20.49 -9.85
N THR A 615 9.68 19.85 -9.95
CA THR A 615 8.88 19.94 -11.17
C THR A 615 8.44 21.37 -11.42
N LEU A 616 7.98 22.06 -10.37
CA LEU A 616 7.53 23.43 -10.55
C LEU A 616 8.69 24.34 -10.94
N LYS A 617 9.85 24.17 -10.31
CA LYS A 617 11.00 24.98 -10.70
C LYS A 617 11.40 24.71 -12.14
N GLU A 618 11.39 23.44 -12.56
CA GLU A 618 11.75 23.11 -13.93
C GLU A 618 10.76 23.72 -14.92
N VAL A 619 9.48 23.66 -14.59
CA VAL A 619 8.46 24.24 -15.46
C VAL A 619 8.67 25.73 -15.59
N ARG A 620 8.92 26.41 -14.47
CA ARG A 620 9.13 27.85 -14.53
C ARG A 620 10.38 28.19 -15.33
N ARG A 621 11.45 27.43 -15.14
CA ARG A 621 12.68 27.70 -15.88
C ARG A 621 12.50 27.51 -17.37
N ASP A 622 11.86 26.42 -17.78
CA ASP A 622 11.64 26.20 -19.21
C ASP A 622 10.79 27.29 -19.82
N TYR A 623 9.69 27.65 -19.13
CA TYR A 623 8.81 28.68 -19.69
C TYR A 623 9.47 30.04 -19.70
N GLU A 624 10.32 30.35 -18.72
CA GLU A 624 11.08 31.59 -18.77
C GLU A 624 12.05 31.60 -19.92
N ALA A 625 12.73 30.46 -20.16
CA ALA A 625 13.67 30.39 -21.27
C ALA A 625 12.98 30.57 -22.61
N ILE A 626 11.79 30.00 -22.77
CA ILE A 626 11.06 30.17 -24.03
C ILE A 626 10.61 31.62 -24.20
N GLY A 627 10.20 32.27 -23.12
CA GLY A 627 9.69 33.63 -23.18
C GLY A 627 8.37 33.83 -22.47
N ILE A 628 7.92 32.86 -21.69
CA ILE A 628 6.62 32.87 -21.05
C ILE A 628 6.80 33.08 -19.55
N GLN A 629 5.79 33.68 -18.93
CA GLN A 629 5.76 33.96 -17.50
C GLN A 629 4.79 33.01 -16.83
N VAL A 630 5.26 32.32 -15.80
CA VAL A 630 4.45 31.35 -15.08
C VAL A 630 3.98 31.96 -13.78
N LEU A 631 2.67 31.90 -13.53
CA LEU A 631 2.06 32.48 -12.35
C LEU A 631 1.33 31.41 -11.56
N LEU A 632 1.57 31.38 -10.26
CA LEU A 632 0.93 30.44 -9.34
C LEU A 632 -0.16 31.16 -8.55
N ALA A 633 -1.33 30.54 -8.45
CA ALA A 633 -2.47 31.20 -7.84
C ALA A 633 -3.16 30.28 -6.85
N GLN A 634 -3.75 30.89 -5.81
CA GLN A 634 -4.56 30.20 -4.81
C GLN A 634 -3.78 29.07 -4.13
N CYS A 635 -2.49 29.28 -3.89
CA CYS A 635 -1.69 28.25 -3.25
C CYS A 635 -2.06 28.11 -1.79
N ASN A 636 -2.06 26.87 -1.31
CA ASN A 636 -2.32 26.61 0.10
C ASN A 636 -1.19 27.18 0.95
N PRO A 637 -1.45 27.52 2.21
CA PRO A 637 -0.36 27.95 3.08
C PRO A 637 0.75 26.93 3.19
N THR A 638 0.40 25.65 3.25
CA THR A 638 1.41 24.60 3.30
C THR A 638 2.24 24.56 2.02
N VAL A 639 1.57 24.69 0.88
CA VAL A 639 2.30 24.71 -0.38
C VAL A 639 3.18 25.96 -0.48
N ARG A 640 2.71 27.07 0.07
CA ARG A 640 3.56 28.26 0.11
C ARG A 640 4.82 28.02 0.92
N ASP A 641 4.66 27.38 2.09
CA ASP A 641 5.84 27.08 2.91
C ASP A 641 6.78 26.13 2.17
N SER A 642 6.21 25.14 1.48
CA SER A 642 7.04 24.19 0.74
C SER A 642 7.81 24.89 -0.37
N LEU A 643 7.15 25.79 -1.11
CA LEU A 643 7.83 26.52 -2.17
C LEU A 643 8.91 27.44 -1.61
N THR A 644 8.64 28.10 -0.49
CA THR A 644 9.63 28.97 0.12
C THR A 644 10.85 28.18 0.56
N ASN A 645 10.64 27.02 1.18
CA ASN A 645 11.76 26.20 1.63
C ASN A 645 12.59 25.68 0.47
N GLY A 646 11.97 25.48 -0.69
CA GLY A 646 12.66 25.01 -1.88
C GLY A 646 13.28 26.09 -2.73
N GLU A 647 13.27 27.33 -2.26
CA GLU A 647 13.88 28.47 -2.96
C GLU A 647 13.26 28.69 -4.34
N TYR A 648 11.97 28.38 -4.48
CA TYR A 648 11.28 28.64 -5.74
C TYR A 648 11.10 30.14 -5.97
N CYS A 649 10.75 30.88 -4.92
CA CYS A 649 10.47 32.30 -5.04
C CYS A 649 11.71 33.17 -4.93
N LYS A 650 12.89 32.57 -4.81
CA LYS A 650 14.16 33.29 -4.67
C LYS A 650 14.07 34.16 -3.42
N LYS A 651 14.40 35.45 -3.49
CA LYS A 651 14.37 36.34 -2.33
C LYS A 651 13.48 37.53 -2.69
N GLU A 652 12.19 37.42 -2.38
CA GLU A 652 11.22 38.48 -2.62
C GLU A 652 11.23 38.95 -4.08
N GLU A 653 11.34 37.98 -4.99
CA GLU A 653 11.30 38.32 -6.42
C GLU A 653 9.93 38.82 -6.84
N GLU A 654 8.88 38.43 -6.11
CA GLU A 654 7.51 38.86 -6.35
C GLU A 654 7.02 38.43 -7.73
N ASN A 655 5.76 38.73 -8.04
CA ASN A 655 5.14 38.40 -9.32
C ASN A 655 5.20 36.92 -9.62
N LEU A 656 5.30 36.08 -8.59
CA LEU A 656 5.31 34.63 -8.75
C LEU A 656 4.15 33.94 -8.05
N LEU A 657 3.77 34.41 -6.88
CA LEU A 657 2.67 33.82 -6.12
C LEU A 657 1.55 34.85 -6.00
N PHE A 658 0.31 34.43 -6.22
CA PHE A 658 -0.83 35.30 -6.12
C PHE A 658 -1.93 34.62 -5.30
N TYR A 659 -2.77 35.43 -4.67
CA TYR A 659 -3.78 34.92 -3.77
C TYR A 659 -5.08 34.56 -4.47
N SER A 660 -5.23 34.88 -5.76
CA SER A 660 -6.46 34.58 -6.46
C SER A 660 -6.15 34.44 -7.95
N VAL A 661 -6.99 33.67 -8.64
CA VAL A 661 -6.83 33.54 -10.08
C VAL A 661 -7.08 34.87 -10.76
N TYR A 662 -8.08 35.61 -10.28
CA TYR A 662 -8.44 36.89 -10.89
C TYR A 662 -7.28 37.87 -10.80
N GLU A 663 -6.66 37.97 -9.62
CA GLU A 663 -5.61 38.95 -9.43
C GLU A 663 -4.41 38.65 -10.33
N ALA A 664 -4.03 37.38 -10.43
CA ALA A 664 -2.90 37.00 -11.27
C ALA A 664 -3.21 37.23 -12.75
N MET A 665 -4.43 36.91 -13.17
CA MET A 665 -4.81 37.12 -14.57
C MET A 665 -4.81 38.61 -14.91
N ALA A 666 -5.33 39.45 -14.02
CA ALA A 666 -5.28 40.89 -14.27
C ALA A 666 -3.85 41.40 -14.30
N PHE A 667 -3.00 40.88 -13.41
CA PHE A 667 -1.59 41.26 -13.44
C PHE A 667 -0.94 40.88 -14.75
N ALA A 668 -1.26 39.70 -15.28
CA ALA A 668 -0.75 39.30 -16.58
C ALA A 668 -1.24 40.24 -17.68
N GLU A 669 -2.52 40.62 -17.62
CA GLU A 669 -3.07 41.53 -18.61
C GLU A 669 -2.34 42.86 -18.59
N VAL A 670 -2.05 43.38 -17.40
CA VAL A 670 -1.30 44.63 -17.30
C VAL A 670 0.12 44.46 -17.81
N SER A 671 0.77 43.33 -17.47
CA SER A 671 2.17 43.14 -17.83
C SER A 671 2.34 43.01 -19.34
N LYS A 672 1.35 42.42 -20.02
CA LYS A 672 1.44 42.32 -21.48
C LYS A 672 1.49 43.69 -22.12
N ASN A 673 0.67 44.63 -21.65
CA ASN A 673 0.65 45.98 -22.20
C ASN A 673 1.70 46.85 -21.54
N HIS B 1 -29.95 35.44 -6.35
CA HIS B 1 -28.54 35.78 -6.52
C HIS B 1 -27.71 34.54 -6.85
N ARG B 2 -27.89 34.01 -8.06
CA ARG B 2 -27.17 32.83 -8.50
C ARG B 2 -26.74 33.01 -9.94
N ILE B 3 -25.69 32.28 -10.33
CA ILE B 3 -25.19 32.28 -11.70
C ILE B 3 -25.54 30.95 -12.36
N LEU B 4 -26.02 31.02 -13.59
CA LEU B 4 -26.45 29.84 -14.35
C LEU B 4 -25.37 29.49 -15.36
N ILE B 5 -24.76 28.32 -15.22
CA ILE B 5 -23.76 27.81 -16.13
C ILE B 5 -24.21 26.43 -16.60
N GLU B 6 -24.13 26.19 -17.91
CA GLU B 6 -24.58 24.94 -18.50
C GLU B 6 -23.39 24.08 -18.88
N ARG B 7 -23.46 22.80 -18.53
CA ARG B 7 -22.39 21.87 -18.88
C ARG B 7 -22.39 21.56 -20.36
N GLN B 8 -21.22 21.28 -20.91
CA GLN B 8 -21.14 20.78 -22.28
C GLN B 8 -21.72 19.38 -22.37
N GLU B 9 -22.29 19.07 -23.52
CA GLU B 9 -22.91 17.78 -23.75
C GLU B 9 -21.86 16.66 -23.83
N MET B 62 38.96 8.68 -27.16
CA MET B 62 38.63 9.85 -26.36
C MET B 62 38.75 9.54 -24.88
N SER B 63 37.74 9.94 -24.11
CA SER B 63 37.74 9.67 -22.67
C SER B 63 37.45 8.22 -22.34
N GLY B 64 37.05 7.42 -23.34
CA GLY B 64 36.69 6.03 -23.10
C GLY B 64 37.83 5.19 -22.54
N LEU B 65 39.08 5.55 -22.87
CA LEU B 65 40.22 4.80 -22.36
C LEU B 65 40.28 4.87 -20.83
N ILE B 66 40.02 6.07 -20.29
CA ILE B 66 40.02 6.25 -18.81
C ILE B 66 39.03 5.27 -18.18
N VAL B 67 37.76 5.34 -18.58
CA VAL B 67 36.72 4.44 -17.99
C VAL B 67 37.11 3.00 -18.28
N GLY B 68 37.54 2.71 -19.52
CA GLY B 68 37.90 1.33 -19.90
C GLY B 68 38.99 0.77 -19.00
N ILE B 69 39.82 1.64 -18.42
CA ILE B 69 40.92 1.18 -17.57
C ILE B 69 40.52 1.25 -16.10
N LEU B 70 39.43 1.97 -15.92
CA LEU B 70 38.87 2.04 -14.56
C LEU B 70 37.93 0.85 -14.42
N LEU B 71 37.40 0.35 -15.53
CA LEU B 71 36.41 -0.74 -15.44
C LEU B 71 37.13 -2.07 -15.17
N VAL B 72 38.40 -2.19 -15.56
CA VAL B 72 39.07 -3.51 -15.39
C VAL B 72 39.13 -3.80 -13.90
N PRO B 73 39.80 -2.99 -13.07
CA PRO B 73 39.77 -3.24 -11.64
C PRO B 73 38.35 -3.11 -11.09
N GLN B 74 37.47 -2.37 -11.77
CA GLN B 74 36.11 -2.14 -11.20
C GLN B 74 35.21 -3.30 -11.62
N SER B 75 35.78 -4.30 -12.26
CA SER B 75 34.94 -5.45 -12.58
C SER B 75 35.38 -6.62 -11.74
N ILE B 76 36.66 -6.94 -11.78
CA ILE B 76 37.06 -8.17 -11.06
C ILE B 76 36.21 -8.21 -9.81
N ALA B 77 36.17 -7.11 -9.09
CA ALA B 77 35.41 -7.20 -7.84
C ALA B 77 33.95 -7.33 -8.18
N TYR B 78 33.41 -6.32 -8.83
CA TYR B 78 31.95 -6.41 -9.02
C TYR B 78 31.69 -7.81 -9.55
N SER B 79 32.68 -8.53 -10.08
CA SER B 79 32.46 -9.93 -10.40
C SER B 79 32.69 -10.80 -9.17
N LEU B 80 33.73 -10.51 -8.40
CA LEU B 80 33.96 -11.25 -7.16
C LEU B 80 32.81 -11.06 -6.18
N LEU B 81 32.32 -9.82 -6.07
CA LEU B 81 31.12 -9.57 -5.25
C LEU B 81 29.94 -10.34 -5.80
N ALA B 82 29.82 -10.42 -7.12
CA ALA B 82 28.74 -11.19 -7.74
C ALA B 82 28.92 -12.68 -7.56
N GLY B 83 30.06 -13.13 -7.06
CA GLY B 83 30.30 -14.55 -6.90
C GLY B 83 30.51 -15.31 -8.19
N GLN B 84 31.29 -14.75 -9.10
CA GLN B 84 31.61 -15.41 -10.36
C GLN B 84 33.08 -15.20 -10.67
N GLU B 85 33.55 -15.82 -11.74
CA GLU B 85 34.93 -15.64 -12.15
C GLU B 85 35.16 -14.21 -12.65
N PRO B 86 36.34 -13.65 -12.38
CA PRO B 86 36.57 -12.24 -12.73
C PRO B 86 36.46 -11.93 -14.20
N VAL B 87 36.84 -12.86 -15.09
CA VAL B 87 36.81 -12.56 -16.52
C VAL B 87 35.38 -12.37 -17.01
N TYR B 88 34.41 -12.91 -16.29
CA TYR B 88 33.03 -12.79 -16.75
C TYR B 88 32.48 -11.39 -16.51
N GLY B 89 32.97 -10.70 -15.49
CA GLY B 89 32.63 -9.29 -15.35
C GLY B 89 33.12 -8.47 -16.52
N LEU B 90 34.34 -8.76 -16.99
CA LEU B 90 34.86 -8.09 -18.17
C LEU B 90 34.02 -8.41 -19.40
N TYR B 91 33.59 -9.66 -19.54
CA TYR B 91 32.66 -10.01 -20.62
C TYR B 91 31.40 -9.16 -20.54
N THR B 92 30.84 -9.02 -19.33
CA THR B 92 29.62 -8.22 -19.16
C THR B 92 29.84 -6.79 -19.59
N SER B 93 30.94 -6.18 -19.13
CA SER B 93 31.20 -4.78 -19.48
C SER B 93 31.35 -4.62 -20.98
N PHE B 94 32.12 -5.51 -21.61
CA PHE B 94 32.35 -5.40 -23.05
C PHE B 94 31.05 -5.54 -23.83
N PHE B 95 30.27 -6.58 -23.53
CA PHE B 95 29.04 -6.79 -24.28
C PHE B 95 28.03 -5.68 -24.03
N ALA B 96 27.97 -5.16 -22.80
CA ALA B 96 27.06 -4.06 -22.52
C ALA B 96 27.42 -2.83 -23.34
N SER B 97 28.69 -2.44 -23.35
CA SER B 97 29.10 -1.28 -24.13
C SER B 97 28.82 -1.48 -25.61
N ILE B 98 29.16 -2.67 -26.14
CA ILE B 98 28.96 -2.92 -27.56
C ILE B 98 27.49 -2.86 -27.91
N ILE B 99 26.63 -3.49 -27.11
CA ILE B 99 25.21 -3.52 -27.41
C ILE B 99 24.62 -2.12 -27.35
N TYR B 100 24.99 -1.35 -26.32
CA TYR B 100 24.40 -0.02 -26.20
C TYR B 100 24.86 0.89 -27.32
N PHE B 101 26.10 0.73 -27.79
CA PHE B 101 26.54 1.51 -28.94
C PHE B 101 25.73 1.18 -30.18
N LEU B 102 25.43 -0.10 -30.39
CA LEU B 102 24.64 -0.51 -31.55
C LEU B 102 23.25 0.12 -31.51
N LEU B 103 22.63 0.15 -30.33
CA LEU B 103 21.29 0.70 -30.18
C LEU B 103 21.17 1.36 -28.81
N GLY B 104 20.72 2.61 -28.80
CA GLY B 104 20.59 3.35 -27.55
C GLY B 104 20.32 4.80 -27.85
N THR B 105 19.88 5.52 -26.81
CA THR B 105 19.49 6.92 -26.97
C THR B 105 20.00 7.86 -25.90
N SER B 106 20.63 7.38 -24.83
CA SER B 106 21.04 8.27 -23.75
C SER B 106 22.08 9.28 -24.23
N ARG B 107 23.06 8.81 -24.99
CA ARG B 107 24.10 9.64 -25.61
C ARG B 107 25.07 10.18 -24.56
N HIS B 108 24.74 10.03 -23.28
CA HIS B 108 25.68 10.32 -22.20
C HIS B 108 25.33 9.42 -21.03
N ILE B 109 25.93 8.22 -20.99
CA ILE B 109 25.68 7.25 -19.88
C ILE B 109 26.71 6.13 -19.98
N SER B 110 26.87 5.34 -18.92
CA SER B 110 27.85 4.21 -18.94
C SER B 110 27.15 2.92 -18.51
N VAL B 111 26.29 2.38 -19.37
CA VAL B 111 25.57 1.11 -19.06
C VAL B 111 26.61 0.01 -18.86
N GLY B 112 26.33 -0.93 -17.95
CA GLY B 112 27.31 -2.00 -17.64
C GLY B 112 27.12 -2.55 -16.25
N ILE B 113 28.19 -2.85 -15.54
CA ILE B 113 28.05 -3.53 -14.24
C ILE B 113 27.64 -2.49 -13.22
N PHE B 114 26.54 -2.70 -12.50
CA PHE B 114 26.03 -1.78 -11.45
C PHE B 114 26.16 -2.46 -10.08
N GLY B 115 26.95 -1.87 -9.17
CA GLY B 115 27.17 -2.51 -7.86
C GLY B 115 25.93 -3.18 -7.31
N VAL B 116 24.85 -2.42 -7.13
CA VAL B 116 23.65 -2.97 -6.51
C VAL B 116 23.12 -4.14 -7.33
N LEU B 117 23.12 -4.02 -8.65
CA LEU B 117 22.67 -5.12 -9.49
C LEU B 117 23.55 -6.35 -9.31
N CYS B 118 24.87 -6.15 -9.23
CA CYS B 118 25.77 -7.27 -8.99
C CYS B 118 25.50 -7.89 -7.62
N LEU B 119 25.23 -7.06 -6.62
CA LEU B 119 24.93 -7.60 -5.30
C LEU B 119 23.67 -8.46 -5.33
N MET B 120 22.62 -7.99 -6.02
CA MET B 120 21.39 -8.76 -6.07
C MET B 120 21.58 -10.07 -6.82
N ILE B 121 22.27 -10.03 -7.97
CA ILE B 121 22.47 -11.28 -8.71
C ILE B 121 23.36 -12.23 -7.90
N GLY B 122 24.32 -11.69 -7.15
CA GLY B 122 25.15 -12.54 -6.32
C GLY B 122 24.37 -13.19 -5.19
N GLU B 123 23.46 -12.44 -4.57
CA GLU B 123 22.62 -13.03 -3.53
C GLU B 123 21.74 -14.14 -4.10
N THR B 124 21.16 -13.90 -5.28
CA THR B 124 20.37 -14.94 -5.92
C THR B 124 21.22 -16.16 -6.25
N VAL B 125 22.45 -15.93 -6.74
CA VAL B 125 23.34 -17.02 -7.09
C VAL B 125 23.69 -17.83 -5.84
N ASP B 126 23.98 -17.16 -4.73
CA ASP B 126 24.32 -17.86 -3.50
C ASP B 126 23.14 -18.69 -3.00
N ARG B 127 21.94 -18.13 -3.05
CA ARG B 127 20.77 -18.89 -2.60
C ARG B 127 20.54 -20.11 -3.49
N GLU B 128 20.70 -19.95 -4.81
CA GLU B 128 20.53 -21.08 -5.70
C GLU B 128 21.60 -22.15 -5.46
N LEU B 129 22.83 -21.72 -5.19
CA LEU B 129 23.90 -22.66 -4.85
C LEU B 129 23.55 -23.45 -3.59
N GLN B 130 23.09 -22.77 -2.55
CA GLN B 130 22.75 -23.46 -1.31
C GLN B 130 21.56 -24.39 -1.51
N LYS B 131 20.58 -23.98 -2.31
CA LYS B 131 19.44 -24.85 -2.60
C LYS B 131 19.86 -26.11 -3.34
N ALA B 132 20.76 -25.95 -4.32
CA ALA B 132 21.21 -27.09 -5.11
C ALA B 132 22.38 -27.83 -4.50
N GLY B 133 23.17 -27.16 -3.67
CA GLY B 133 24.35 -27.80 -3.09
C GLY B 133 25.39 -28.18 -4.11
N TYR B 134 25.66 -27.31 -5.07
CA TYR B 134 26.66 -27.57 -6.09
C TYR B 134 28.02 -27.01 -5.68
N ILE B 160 31.03 -31.47 -14.28
CA ILE B 160 30.79 -30.55 -15.36
C ILE B 160 30.35 -29.19 -14.81
N CYS B 161 29.27 -29.21 -14.01
CA CYS B 161 28.77 -27.97 -13.43
C CYS B 161 29.79 -27.35 -12.48
N ASP B 162 30.47 -28.19 -11.68
CA ASP B 162 31.53 -27.77 -10.77
C ASP B 162 31.00 -26.67 -9.86
N LYS B 163 31.73 -25.58 -9.63
CA LYS B 163 31.27 -24.48 -8.79
C LYS B 163 31.07 -23.20 -9.58
N SER B 164 32.10 -22.73 -10.29
CA SER B 164 31.98 -21.48 -11.02
C SER B 164 30.97 -21.59 -12.15
N CYS B 165 31.01 -22.71 -12.89
CA CYS B 165 30.16 -22.84 -14.07
C CYS B 165 28.68 -22.83 -13.69
N TYR B 166 28.31 -23.55 -12.63
CA TYR B 166 26.90 -23.59 -12.24
C TYR B 166 26.39 -22.22 -11.83
N ALA B 167 27.17 -21.50 -11.02
CA ALA B 167 26.76 -20.16 -10.61
C ALA B 167 26.66 -19.23 -11.81
N ILE B 168 27.58 -19.38 -12.77
CA ILE B 168 27.56 -18.53 -13.95
C ILE B 168 26.31 -18.79 -14.78
N MET B 169 25.92 -20.06 -14.93
CA MET B 169 24.67 -20.38 -15.61
C MET B 169 23.48 -19.81 -14.85
N VAL B 170 23.51 -19.86 -13.52
CA VAL B 170 22.41 -19.30 -12.73
C VAL B 170 22.29 -17.81 -13.00
N GLY B 171 23.41 -17.10 -12.98
CA GLY B 171 23.39 -15.67 -13.26
C GLY B 171 22.90 -15.36 -14.66
N SER B 172 23.33 -16.15 -15.64
CA SER B 172 22.88 -15.95 -17.01
C SER B 172 21.38 -16.18 -17.13
N THR B 173 20.84 -17.18 -16.42
CA THR B 173 19.41 -17.41 -16.44
C THR B 173 18.65 -16.23 -15.85
N VAL B 174 19.13 -15.71 -14.71
CA VAL B 174 18.48 -14.54 -14.12
C VAL B 174 18.53 -13.37 -15.09
N THR B 175 19.66 -13.21 -15.78
CA THR B 175 19.81 -12.11 -16.73
C THR B 175 18.81 -12.26 -17.88
N PHE B 176 18.66 -13.47 -18.41
CA PHE B 176 17.72 -13.69 -19.49
C PHE B 176 16.30 -13.38 -19.06
N ILE B 177 15.92 -13.82 -17.86
CA ILE B 177 14.56 -13.56 -17.39
C ILE B 177 14.35 -12.06 -17.17
N ALA B 178 15.34 -11.37 -16.62
CA ALA B 178 15.22 -9.93 -16.39
C ALA B 178 15.12 -9.17 -17.70
N GLY B 179 15.91 -9.56 -18.70
CA GLY B 179 15.82 -8.92 -20.00
C GLY B 179 14.49 -9.16 -20.68
N VAL B 180 13.96 -10.38 -20.54
CA VAL B 180 12.63 -10.67 -21.08
C VAL B 180 11.58 -9.81 -20.41
N TYR B 181 11.66 -9.67 -19.08
CA TYR B 181 10.73 -8.80 -18.38
C TYR B 181 10.84 -7.36 -18.86
N GLN B 182 12.06 -6.86 -19.01
CA GLN B 182 12.23 -5.48 -19.45
C GLN B 182 11.68 -5.27 -20.84
N VAL B 183 11.96 -6.19 -21.77
CA VAL B 183 11.48 -6.01 -23.13
C VAL B 183 9.97 -6.16 -23.20
N ALA B 184 9.39 -7.03 -22.37
CA ALA B 184 7.94 -7.17 -22.36
C ALA B 184 7.27 -5.90 -21.84
N MET B 185 7.83 -5.32 -20.77
CA MET B 185 7.28 -4.07 -20.26
C MET B 185 7.44 -2.94 -21.27
N GLY B 186 8.56 -2.92 -21.99
CA GLY B 186 8.74 -1.90 -23.01
C GLY B 186 7.77 -2.03 -24.17
N PHE B 187 7.56 -3.26 -24.65
CA PHE B 187 6.63 -3.47 -25.76
C PHE B 187 5.19 -3.21 -25.32
N PHE B 188 4.81 -3.68 -24.14
CA PHE B 188 3.45 -3.50 -23.64
C PHE B 188 3.14 -2.05 -23.29
N GLN B 189 4.15 -1.18 -23.27
CA GLN B 189 3.97 0.21 -22.84
C GLN B 189 3.38 0.29 -21.45
N VAL B 190 3.78 -0.67 -20.60
CA VAL B 190 3.35 -0.73 -19.21
C VAL B 190 4.47 -0.25 -18.28
N GLY B 191 5.37 0.59 -18.79
CA GLY B 191 6.50 1.06 -18.03
C GLY B 191 6.13 2.06 -16.96
N PHE B 192 4.83 2.35 -16.82
CA PHE B 192 4.39 3.27 -15.79
C PHE B 192 4.76 2.80 -14.40
N VAL B 193 5.03 1.50 -14.21
CA VAL B 193 5.51 0.99 -12.95
C VAL B 193 6.82 1.63 -12.51
N SER B 194 7.45 2.41 -13.38
CA SER B 194 8.68 3.11 -13.03
C SER B 194 8.42 4.37 -12.24
N VAL B 195 7.15 4.78 -12.06
CA VAL B 195 6.87 6.03 -11.35
C VAL B 195 6.75 5.86 -9.85
N TYR B 196 6.91 4.64 -9.33
CA TYR B 196 6.74 4.37 -7.90
C TYR B 196 8.06 4.38 -7.14
N LEU B 197 9.02 5.22 -7.51
CA LEU B 197 10.35 5.17 -6.92
C LEU B 197 10.79 6.47 -6.25
N SER B 198 10.30 7.62 -6.70
CA SER B 198 10.43 8.92 -6.02
C SER B 198 11.83 9.51 -6.06
N ASP B 199 12.85 8.73 -6.41
CA ASP B 199 14.26 9.13 -6.39
C ASP B 199 14.78 9.33 -4.96
N ALA B 200 13.86 9.43 -4.00
CA ALA B 200 14.26 9.47 -2.60
C ALA B 200 14.35 8.07 -2.03
N LEU B 201 13.31 7.28 -2.30
CA LEU B 201 13.40 5.83 -2.15
C LEU B 201 14.62 5.28 -2.87
N LEU B 202 14.89 5.78 -4.09
CA LEU B 202 16.05 5.30 -4.84
C LEU B 202 17.36 5.69 -4.17
N SER B 203 17.48 6.94 -3.70
CA SER B 203 18.71 7.32 -3.02
C SER B 203 18.93 6.51 -1.77
N GLY B 204 17.86 6.29 -0.99
CA GLY B 204 18.00 5.46 0.20
C GLY B 204 18.39 4.03 -0.12
N PHE B 205 17.79 3.45 -1.15
CA PHE B 205 18.11 2.09 -1.54
C PHE B 205 19.55 1.98 -2.00
N VAL B 206 20.03 2.95 -2.77
CA VAL B 206 21.40 2.95 -3.23
C VAL B 206 22.36 3.05 -2.05
N THR B 207 22.05 3.92 -1.08
CA THR B 207 22.93 4.05 0.09
C THR B 207 22.97 2.76 0.90
N GLY B 208 21.82 2.12 1.09
CA GLY B 208 21.80 0.86 1.82
C GLY B 208 22.63 -0.21 1.12
N ALA B 209 22.49 -0.31 -0.21
CA ALA B 209 23.30 -1.26 -0.94
C ALA B 209 24.77 -0.90 -0.86
N SER B 210 25.10 0.39 -0.81
CA SER B 210 26.51 0.78 -0.69
C SER B 210 27.08 0.31 0.64
N PHE B 211 26.33 0.45 1.73
CA PHE B 211 26.81 -0.11 2.99
C PHE B 211 26.94 -1.62 2.92
N THR B 212 26.00 -2.31 2.26
CA THR B 212 26.13 -3.76 2.15
C THR B 212 27.40 -4.14 1.40
N ILE B 213 27.72 -3.43 0.33
CA ILE B 213 28.95 -3.70 -0.41
C ILE B 213 30.17 -3.38 0.46
N LEU B 214 30.08 -2.34 1.28
CA LEU B 214 31.17 -2.00 2.19
C LEU B 214 31.47 -3.16 3.12
N THR B 215 30.45 -3.69 3.78
CA THR B 215 30.67 -4.82 4.68
C THR B 215 31.16 -6.04 3.92
N SER B 216 30.66 -6.27 2.71
CA SER B 216 31.14 -7.41 1.94
C SER B 216 32.63 -7.29 1.65
N GLN B 217 33.09 -6.09 1.29
CA GLN B 217 34.50 -5.87 0.99
C GLN B 217 35.37 -5.76 2.24
N ALA B 218 34.76 -5.63 3.43
CA ALA B 218 35.56 -5.51 4.64
C ALA B 218 36.48 -6.73 4.82
N LYS B 219 36.00 -7.92 4.47
CA LYS B 219 36.81 -9.12 4.66
C LYS B 219 38.01 -9.16 3.73
N TYR B 220 37.89 -8.58 2.53
CA TYR B 220 39.06 -8.40 1.68
C TYR B 220 39.97 -7.31 2.22
N LEU B 221 39.37 -6.29 2.85
CA LEU B 221 40.15 -5.21 3.44
C LEU B 221 41.06 -5.74 4.54
N LEU B 222 40.54 -6.62 5.38
CA LEU B 222 41.29 -7.20 6.48
C LEU B 222 42.02 -8.47 6.11
N GLY B 223 41.86 -8.96 4.88
CA GLY B 223 42.44 -10.23 4.52
C GLY B 223 41.91 -11.38 5.36
N LEU B 224 40.60 -11.38 5.62
CA LEU B 224 40.00 -12.34 6.53
C LEU B 224 39.48 -13.54 5.73
N ASN B 225 38.83 -14.47 6.43
CA ASN B 225 38.32 -15.68 5.80
C ASN B 225 37.02 -16.12 6.45
N LEU B 226 36.13 -15.17 6.73
CA LEU B 226 34.87 -15.50 7.39
C LEU B 226 33.98 -16.33 6.46
N PRO B 227 33.15 -17.21 7.02
CA PRO B 227 32.25 -18.01 6.19
C PRO B 227 31.18 -17.16 5.53
N ARG B 228 30.67 -17.66 4.41
CA ARG B 228 29.63 -16.95 3.67
C ARG B 228 28.35 -16.86 4.49
N THR B 229 27.68 -15.71 4.40
CA THR B 229 26.45 -15.45 5.12
C THR B 229 25.44 -14.85 4.16
N ASN B 230 24.15 -15.10 4.42
CA ASN B 230 23.09 -14.58 3.58
C ASN B 230 21.80 -14.48 4.39
N GLY B 231 20.86 -13.71 3.86
CA GLY B 231 19.56 -13.54 4.50
C GLY B 231 19.45 -12.23 5.25
N VAL B 232 18.29 -12.09 5.90
CA VAL B 232 18.03 -10.88 6.68
C VAL B 232 19.03 -10.79 7.83
N GLY B 233 19.64 -9.63 8.00
CA GLY B 233 20.68 -9.47 8.98
C GLY B 233 22.06 -9.87 8.50
N SER B 234 22.29 -9.89 7.19
CA SER B 234 23.60 -10.27 6.68
C SER B 234 24.67 -9.29 7.13
N LEU B 235 24.35 -7.99 7.13
CA LEU B 235 25.31 -6.98 7.52
C LEU B 235 25.79 -7.19 8.95
N ILE B 236 24.86 -7.33 9.89
CA ILE B 236 25.24 -7.48 11.28
C ILE B 236 25.94 -8.82 11.52
N THR B 237 25.50 -9.87 10.83
CA THR B 237 26.15 -11.17 10.99
C THR B 237 27.59 -11.12 10.51
N THR B 238 27.84 -10.51 9.36
CA THR B 238 29.21 -10.39 8.88
C THR B 238 30.04 -9.54 9.82
N TRP B 239 29.46 -8.45 10.34
CA TRP B 239 30.21 -7.60 11.26
C TRP B 239 30.58 -8.35 12.54
N ILE B 240 29.64 -9.13 13.09
CA ILE B 240 29.96 -9.85 14.32
C ILE B 240 30.95 -10.97 14.06
N HIS B 241 30.92 -11.59 12.88
CA HIS B 241 31.96 -12.55 12.55
C HIS B 241 33.33 -11.88 12.50
N VAL B 242 33.40 -10.71 11.86
CA VAL B 242 34.65 -9.96 11.82
C VAL B 242 35.14 -9.68 13.23
N PHE B 243 34.23 -9.23 14.11
CA PHE B 243 34.60 -9.02 15.51
C PHE B 243 35.08 -10.30 16.17
N ARG B 244 34.46 -11.44 15.82
CA ARG B 244 34.87 -12.72 16.41
C ARG B 244 36.31 -13.03 16.09
N ASN B 245 36.73 -12.84 14.84
CA ASN B 245 38.13 -13.10 14.54
C ASN B 245 38.85 -11.90 13.94
N ILE B 246 38.74 -10.73 14.59
CA ILE B 246 39.55 -9.56 14.26
C ILE B 246 41.01 -9.95 14.08
N HIS B 247 41.50 -10.87 14.89
CA HIS B 247 42.90 -11.27 14.85
C HIS B 247 43.14 -12.23 13.69
N LYS B 248 44.28 -12.92 13.71
CA LYS B 248 44.68 -13.90 12.68
C LYS B 248 44.43 -13.37 11.27
N THR B 249 44.97 -12.19 10.99
CA THR B 249 44.91 -11.57 9.67
C THR B 249 46.21 -11.81 8.91
N ASN B 250 46.21 -11.43 7.64
CA ASN B 250 47.41 -11.58 6.83
C ASN B 250 48.44 -10.50 7.15
N LEU B 251 47.97 -9.29 7.48
CA LEU B 251 48.80 -8.18 7.94
C LEU B 251 49.65 -7.58 6.82
N CYS B 252 49.63 -8.21 5.65
CA CYS B 252 50.20 -7.60 4.46
C CYS B 252 49.11 -6.99 3.59
N ASP B 253 47.99 -7.69 3.46
CA ASP B 253 46.83 -7.12 2.78
C ASP B 253 46.35 -5.87 3.50
N LEU B 254 46.37 -5.89 4.84
CA LEU B 254 45.96 -4.70 5.59
C LEU B 254 46.91 -3.53 5.32
N ILE B 255 48.22 -3.80 5.27
CA ILE B 255 49.18 -2.73 5.05
C ILE B 255 49.02 -2.13 3.65
N THR B 256 48.91 -2.99 2.64
CA THR B 256 48.75 -2.47 1.29
C THR B 256 47.38 -1.80 1.10
N SER B 257 46.37 -2.25 1.86
CA SER B 257 45.08 -1.57 1.83
C SER B 257 45.19 -0.18 2.43
N LEU B 258 45.95 -0.04 3.51
CA LEU B 258 46.18 1.28 4.09
C LEU B 258 46.91 2.19 3.11
N LEU B 259 47.94 1.65 2.43
CA LEU B 259 48.67 2.44 1.45
C LEU B 259 47.76 2.89 0.32
N CYS B 260 46.97 1.96 -0.24
CA CYS B 260 46.04 2.31 -1.30
C CYS B 260 45.00 3.32 -0.81
N LEU B 261 44.55 3.20 0.44
CA LEU B 261 43.57 4.13 0.98
C LEU B 261 44.13 5.53 1.06
N LEU B 262 45.36 5.68 1.59
CA LEU B 262 45.91 7.02 1.76
C LEU B 262 46.28 7.63 0.40
N VAL B 263 46.61 6.79 -0.58
CA VAL B 263 46.80 7.33 -1.93
C VAL B 263 45.47 7.79 -2.53
N LEU B 264 44.43 6.96 -2.41
CA LEU B 264 43.16 7.27 -3.05
C LEU B 264 42.48 8.49 -2.44
N LEU B 265 42.56 8.63 -1.12
CA LEU B 265 42.00 9.82 -0.48
C LEU B 265 43.06 10.92 -0.38
N PRO B 283 42.92 10.01 -12.89
CA PRO B 283 43.69 8.81 -13.23
C PRO B 283 44.38 8.20 -12.02
N ILE B 284 43.93 8.58 -10.82
CA ILE B 284 44.53 8.07 -9.60
C ILE B 284 44.34 6.56 -9.49
N GLU B 285 43.16 6.07 -9.85
CA GLU B 285 42.88 4.64 -9.74
C GLU B 285 43.78 3.83 -10.67
N LEU B 286 44.02 4.32 -11.89
CA LEU B 286 44.88 3.59 -12.81
C LEU B 286 46.30 3.50 -12.29
N VAL B 287 46.84 4.61 -11.77
CA VAL B 287 48.18 4.58 -11.20
C VAL B 287 48.22 3.65 -9.99
N VAL B 288 47.16 3.66 -9.19
CA VAL B 288 47.13 2.82 -7.99
C VAL B 288 47.16 1.35 -8.38
N VAL B 289 46.34 0.95 -9.35
CA VAL B 289 46.31 -0.45 -9.74
C VAL B 289 47.62 -0.85 -10.41
N VAL B 290 48.23 0.05 -11.19
CA VAL B 290 49.50 -0.26 -11.82
C VAL B 290 50.57 -0.50 -10.76
N ALA B 291 50.64 0.40 -9.78
CA ALA B 291 51.63 0.27 -8.71
C ALA B 291 51.39 -1.01 -7.91
N ALA B 292 50.14 -1.31 -7.59
CA ALA B 292 49.83 -2.51 -6.82
C ALA B 292 50.23 -3.76 -7.58
N THR B 293 49.92 -3.82 -8.87
CA THR B 293 50.29 -4.98 -9.67
C THR B 293 51.81 -5.13 -9.75
N LEU B 294 52.51 -4.02 -9.97
CA LEU B 294 53.97 -4.08 -10.06
C LEU B 294 54.58 -4.55 -8.75
N ALA B 295 54.09 -4.01 -7.62
CA ALA B 295 54.63 -4.40 -6.32
C ALA B 295 54.33 -5.86 -6.03
N SER B 296 53.11 -6.32 -6.34
CA SER B 296 52.77 -7.71 -6.08
C SER B 296 53.63 -8.65 -6.91
N HIS B 297 53.86 -8.30 -8.19
CA HIS B 297 54.67 -9.16 -9.04
C HIS B 297 56.14 -9.18 -8.61
N PHE B 298 56.69 -8.01 -8.25
CA PHE B 298 58.10 -7.93 -7.91
C PHE B 298 58.38 -8.55 -6.55
N GLY B 299 57.58 -8.23 -5.55
CA GLY B 299 57.85 -8.64 -4.19
C GLY B 299 57.36 -10.01 -3.78
N LYS B 300 56.62 -10.70 -4.64
CA LYS B 300 56.04 -12.01 -4.33
C LYS B 300 55.20 -11.94 -3.05
N LEU B 301 54.13 -11.15 -3.13
CA LEU B 301 53.25 -10.98 -1.99
C LEU B 301 52.56 -12.30 -1.63
N HIS B 302 52.13 -13.06 -2.63
CA HIS B 302 51.41 -14.30 -2.37
C HIS B 302 52.27 -15.33 -1.65
N GLU B 303 53.59 -15.17 -1.66
CA GLU B 303 54.44 -16.04 -0.86
C GLU B 303 54.16 -15.94 0.62
N ASN B 304 53.58 -14.82 1.07
CA ASN B 304 53.21 -14.61 2.46
C ASN B 304 51.72 -14.82 2.71
N TYR B 305 51.10 -15.75 1.99
CA TYR B 305 49.68 -16.07 2.13
C TYR B 305 48.79 -14.85 1.90
N ASN B 306 49.16 -14.00 0.95
CA ASN B 306 48.36 -12.82 0.61
C ASN B 306 47.42 -13.20 -0.54
N SER B 307 46.12 -13.14 -0.28
CA SER B 307 45.13 -13.53 -1.28
C SER B 307 45.16 -12.55 -2.45
N SER B 308 45.40 -13.07 -3.65
CA SER B 308 45.53 -12.25 -4.85
C SER B 308 44.71 -12.85 -5.97
N ILE B 309 44.49 -12.04 -7.01
CA ILE B 309 43.68 -12.47 -8.13
C ILE B 309 44.44 -13.50 -8.94
N ALA B 310 43.83 -14.66 -9.13
CA ALA B 310 44.43 -15.70 -9.95
C ALA B 310 44.26 -15.37 -11.42
N GLY B 311 45.03 -16.04 -12.27
CA GLY B 311 44.92 -15.85 -13.70
C GLY B 311 43.56 -16.20 -14.24
N HIS B 312 42.93 -15.23 -14.92
CA HIS B 312 41.63 -15.43 -15.54
C HIS B 312 41.83 -15.77 -17.01
N ILE B 313 41.12 -16.79 -17.48
CA ILE B 313 41.33 -17.36 -18.81
C ILE B 313 41.17 -16.29 -19.88
N PRO B 314 42.24 -15.94 -20.59
CA PRO B 314 42.10 -14.95 -21.67
C PRO B 314 41.24 -15.48 -22.79
N THR B 315 40.50 -14.55 -23.41
CA THR B 315 39.56 -14.89 -24.47
C THR B 315 38.63 -16.01 -24.01
N GLY B 316 38.63 -17.13 -24.73
CA GLY B 316 37.77 -18.24 -24.34
C GLY B 316 36.33 -17.99 -24.71
N PHE B 317 35.43 -18.40 -23.82
CA PHE B 317 33.99 -18.17 -23.91
C PHE B 317 33.44 -18.46 -25.30
N MET B 318 34.12 -19.34 -26.05
CA MET B 318 33.70 -19.63 -27.41
C MET B 318 32.31 -20.24 -27.50
N PRO B 319 31.95 -21.25 -26.71
CA PRO B 319 30.59 -21.81 -26.81
C PRO B 319 29.58 -20.86 -26.21
N PRO B 320 28.62 -20.38 -27.01
CA PRO B 320 27.53 -19.56 -26.44
C PRO B 320 26.49 -20.43 -25.76
N LYS B 321 26.81 -20.88 -24.55
CA LYS B 321 25.92 -21.76 -23.80
C LYS B 321 24.62 -21.05 -23.48
N VAL B 322 23.52 -21.60 -23.99
CA VAL B 322 22.20 -21.02 -23.74
C VAL B 322 21.80 -21.29 -22.29
N PRO B 323 20.91 -20.49 -21.71
CA PRO B 323 20.48 -20.76 -20.33
C PRO B 323 19.82 -22.12 -20.21
N GLU B 324 20.00 -22.75 -19.05
CA GLU B 324 19.46 -24.09 -18.84
C GLU B 324 17.94 -24.10 -18.94
N TRP B 325 17.29 -23.04 -18.45
CA TRP B 325 15.85 -22.80 -18.47
C TRP B 325 15.10 -23.68 -17.49
N ASN B 326 15.76 -24.65 -16.86
CA ASN B 326 15.10 -25.42 -15.82
C ASN B 326 15.01 -24.63 -14.52
N LEU B 327 15.96 -23.73 -14.29
CA LEU B 327 15.98 -22.86 -13.12
C LEU B 327 15.13 -21.61 -13.30
N ILE B 328 14.39 -21.51 -14.40
CA ILE B 328 13.60 -20.31 -14.66
C ILE B 328 12.61 -20.03 -13.53
N PRO B 329 11.80 -20.98 -13.06
CA PRO B 329 10.87 -20.66 -11.97
C PRO B 329 11.56 -20.24 -10.67
N SER B 330 12.77 -20.74 -10.43
CA SER B 330 13.44 -20.47 -9.17
C SER B 330 14.06 -19.07 -9.12
N VAL B 331 14.08 -18.32 -10.22
CA VAL B 331 14.78 -17.04 -10.25
C VAL B 331 13.85 -15.94 -10.76
N ALA B 332 12.61 -16.30 -11.12
CA ALA B 332 11.71 -15.32 -11.70
C ALA B 332 11.39 -14.18 -10.72
N VAL B 333 11.14 -14.53 -9.46
CA VAL B 333 10.77 -13.52 -8.48
C VAL B 333 11.91 -12.55 -8.24
N ASP B 334 13.16 -13.05 -8.27
CA ASP B 334 14.32 -12.16 -8.16
C ASP B 334 14.50 -11.33 -9.41
N ALA B 335 14.26 -11.94 -10.58
CA ALA B 335 14.42 -11.21 -11.83
C ALA B 335 13.43 -10.07 -11.95
N ILE B 336 12.25 -10.19 -11.32
CA ILE B 336 11.30 -9.09 -11.36
C ILE B 336 11.90 -7.83 -10.75
N ALA B 337 12.42 -7.94 -9.52
CA ALA B 337 13.01 -6.79 -8.86
C ALA B 337 14.26 -6.33 -9.60
N ILE B 338 15.04 -7.26 -10.12
CA ILE B 338 16.27 -6.90 -10.83
C ILE B 338 15.92 -6.04 -12.04
N SER B 339 14.92 -6.46 -12.83
CA SER B 339 14.55 -5.71 -14.02
C SER B 339 13.97 -4.36 -13.65
N ILE B 340 13.11 -4.30 -12.64
CA ILE B 340 12.52 -3.03 -12.23
C ILE B 340 13.60 -2.04 -11.84
N ILE B 341 14.52 -2.46 -10.96
CA ILE B 341 15.58 -1.56 -10.51
C ILE B 341 16.44 -1.13 -11.68
N GLY B 342 16.85 -2.09 -12.52
CA GLY B 342 17.75 -1.76 -13.61
C GLY B 342 17.16 -0.74 -14.57
N PHE B 343 15.93 -0.99 -15.04
CA PHE B 343 15.40 -0.09 -16.05
C PHE B 343 14.97 1.24 -15.43
N ALA B 344 14.52 1.24 -14.17
CA ALA B 344 14.19 2.51 -13.54
C ALA B 344 15.43 3.38 -13.36
N ILE B 345 16.54 2.79 -12.91
CA ILE B 345 17.75 3.57 -12.76
C ILE B 345 18.25 4.06 -14.11
N THR B 346 18.17 3.20 -15.13
CA THR B 346 18.62 3.60 -16.46
C THR B 346 17.82 4.77 -16.99
N VAL B 347 16.49 4.69 -16.90
CA VAL B 347 15.67 5.78 -17.42
C VAL B 347 15.85 7.05 -16.59
N SER B 348 16.03 6.91 -15.27
CA SER B 348 16.26 8.10 -14.44
C SER B 348 17.56 8.80 -14.85
N LEU B 349 18.65 8.03 -15.00
CA LEU B 349 19.92 8.64 -15.38
C LEU B 349 19.85 9.25 -16.78
N SER B 350 19.22 8.54 -17.73
CA SER B 350 19.10 9.06 -19.08
C SER B 350 18.29 10.36 -19.09
N GLU B 351 17.17 10.38 -18.36
CA GLU B 351 16.35 11.58 -18.32
C GLU B 351 17.09 12.75 -17.67
N MET B 352 17.82 12.48 -16.59
CA MET B 352 18.50 13.58 -15.90
C MET B 352 19.60 14.16 -16.78
N PHE B 353 20.36 13.29 -17.46
CA PHE B 353 21.40 13.79 -18.34
C PHE B 353 20.83 14.49 -19.56
N ALA B 354 19.70 14.01 -20.09
CA ALA B 354 19.04 14.71 -21.19
C ALA B 354 18.53 16.07 -20.75
N LYS B 355 18.00 16.17 -19.54
CA LYS B 355 17.59 17.46 -19.00
C LYS B 355 18.78 18.38 -18.81
N LYS B 356 19.97 17.82 -18.53
CA LYS B 356 21.16 18.65 -18.48
C LYS B 356 21.44 19.29 -19.83
N HIS B 357 21.32 18.53 -20.91
CA HIS B 357 21.42 19.07 -22.27
C HIS B 357 20.91 18.02 -23.24
N GLY B 358 20.49 18.48 -24.41
CA GLY B 358 20.04 17.59 -25.46
C GLY B 358 18.56 17.27 -25.39
N TYR B 359 18.14 16.63 -24.29
CA TYR B 359 16.74 16.35 -24.02
C TYR B 359 16.08 15.57 -25.15
N THR B 360 16.71 14.47 -25.54
CA THR B 360 16.20 13.62 -26.61
C THR B 360 15.99 12.18 -26.17
N VAL B 361 15.95 11.91 -24.87
CA VAL B 361 15.84 10.55 -24.38
C VAL B 361 14.38 10.11 -24.42
N LYS B 362 14.12 9.00 -25.09
CA LYS B 362 12.79 8.40 -25.15
C LYS B 362 12.76 7.22 -24.20
N ALA B 363 11.84 7.25 -23.24
CA ALA B 363 11.83 6.25 -22.19
C ALA B 363 11.62 4.84 -22.76
N ASN B 364 10.72 4.70 -23.73
CA ASN B 364 10.45 3.38 -24.30
C ASN B 364 11.68 2.83 -25.01
N GLN B 365 12.41 3.70 -25.73
CA GLN B 365 13.61 3.25 -26.41
C GLN B 365 14.67 2.79 -25.41
N GLU B 366 14.82 3.51 -24.30
CA GLU B 366 15.76 3.08 -23.27
C GLU B 366 15.32 1.76 -22.64
N MET B 367 14.01 1.57 -22.45
CA MET B 367 13.54 0.29 -21.93
C MET B 367 13.91 -0.84 -22.89
N TYR B 368 13.69 -0.62 -24.19
CA TYR B 368 14.05 -1.63 -25.18
C TYR B 368 15.56 -1.91 -25.14
N ALA B 369 16.36 -0.85 -25.02
CA ALA B 369 17.81 -1.01 -25.04
C ALA B 369 18.31 -1.77 -23.82
N ILE B 370 17.81 -1.42 -22.64
CA ILE B 370 18.23 -2.12 -21.44
C ILE B 370 17.72 -3.56 -21.46
N GLY B 371 16.59 -3.81 -22.13
CA GLY B 371 16.15 -5.18 -22.31
C GLY B 371 17.07 -5.99 -23.19
N PHE B 372 17.50 -5.40 -24.31
CA PHE B 372 18.41 -6.10 -25.20
C PHE B 372 19.85 -6.07 -24.71
N CYS B 373 20.13 -5.29 -23.66
CA CYS B 373 21.42 -5.35 -22.98
C CYS B 373 21.45 -6.43 -21.91
N ASN B 374 20.39 -7.23 -21.79
CA ASN B 374 20.36 -8.32 -20.83
C ASN B 374 19.90 -9.63 -21.45
N ILE B 375 19.77 -9.72 -22.77
CA ILE B 375 19.31 -10.94 -23.41
C ILE B 375 20.42 -11.46 -24.32
N ILE B 376 20.84 -10.64 -25.29
CA ILE B 376 21.95 -11.04 -26.15
C ILE B 376 23.22 -11.31 -25.35
N PRO B 377 23.65 -10.45 -24.41
CA PRO B 377 24.80 -10.82 -23.57
C PRO B 377 24.51 -12.00 -22.66
N SER B 378 23.25 -12.22 -22.29
CA SER B 378 22.93 -13.32 -21.39
C SER B 378 23.31 -14.66 -22.02
N PHE B 379 23.16 -14.78 -23.33
CA PHE B 379 23.60 -15.99 -24.03
C PHE B 379 25.12 -16.07 -24.11
N PHE B 380 25.83 -14.99 -23.82
CA PHE B 380 27.29 -14.92 -23.94
C PHE B 380 27.97 -14.81 -22.59
N HIS B 381 27.46 -15.54 -21.58
CA HIS B 381 28.08 -15.60 -20.26
C HIS B 381 28.20 -14.22 -19.63
N CYS B 382 27.04 -13.62 -19.36
CA CYS B 382 26.95 -12.34 -18.69
C CYS B 382 25.96 -12.45 -17.53
N PHE B 383 26.12 -11.58 -16.52
CA PHE B 383 25.25 -11.71 -15.36
C PHE B 383 24.20 -10.61 -15.25
N THR B 384 24.50 -9.38 -15.63
CA THR B 384 23.48 -8.32 -15.59
C THR B 384 24.03 -7.08 -16.28
N THR B 385 23.15 -6.11 -16.48
CA THR B 385 23.53 -4.83 -17.06
C THR B 385 22.55 -3.76 -16.61
N SER B 386 23.10 -2.59 -16.27
CA SER B 386 22.28 -1.43 -15.93
C SER B 386 23.15 -0.19 -16.00
N ALA B 387 22.51 0.98 -15.92
CA ALA B 387 23.27 2.25 -15.98
C ALA B 387 24.01 2.46 -14.67
N ALA B 388 25.34 2.58 -14.74
CA ALA B 388 26.16 2.73 -13.51
C ALA B 388 26.21 4.21 -13.09
N LEU B 389 25.93 4.49 -11.82
CA LEU B 389 25.95 5.89 -11.32
C LEU B 389 27.39 6.39 -11.30
N ALA B 390 28.30 5.67 -10.66
CA ALA B 390 29.71 6.14 -10.54
C ALA B 390 30.36 6.21 -11.92
N LYS B 391 30.37 5.11 -12.65
CA LYS B 391 31.06 5.25 -13.93
C LYS B 391 30.54 6.53 -14.57
N THR B 392 29.23 6.68 -14.74
CA THR B 392 28.71 7.84 -15.50
C THR B 392 29.45 9.10 -15.04
N LEU B 393 29.69 9.22 -13.73
CA LEU B 393 30.42 10.40 -13.18
C LEU B 393 31.86 10.39 -13.72
N VAL B 394 32.48 9.21 -13.75
CA VAL B 394 33.88 9.09 -14.27
C VAL B 394 33.89 9.58 -15.72
N LYS B 395 32.95 9.10 -16.55
CA LYS B 395 32.91 9.50 -17.98
C LYS B 395 32.66 11.00 -18.08
N GLU B 396 31.73 11.51 -17.27
CA GLU B 396 31.39 12.96 -17.31
C GLU B 396 32.13 13.70 -16.20
N GLN B 403 27.45 8.11 -27.63
CA GLN B 403 27.96 6.92 -26.95
C GLN B 403 29.18 6.36 -27.67
N LEU B 404 29.70 7.14 -28.61
CA LEU B 404 30.86 6.68 -29.38
C LEU B 404 32.04 6.38 -28.46
N SER B 405 32.27 7.24 -27.47
CA SER B 405 33.35 7.01 -26.53
C SER B 405 33.19 5.67 -25.82
N GLY B 406 31.94 5.21 -25.64
CA GLY B 406 31.73 3.91 -25.05
C GLY B 406 32.42 2.81 -25.83
N VAL B 407 32.40 2.91 -27.16
CA VAL B 407 33.12 1.94 -27.99
C VAL B 407 34.57 1.87 -27.58
N VAL B 408 35.20 3.03 -27.32
CA VAL B 408 36.59 3.05 -26.89
C VAL B 408 36.76 2.16 -25.67
N THR B 409 35.86 2.31 -24.69
CA THR B 409 35.91 1.46 -23.51
C THR B 409 35.91 0.00 -23.91
N ALA B 410 34.96 -0.40 -24.76
CA ALA B 410 34.90 -1.78 -25.21
C ALA B 410 36.23 -2.19 -25.82
N LEU B 411 36.81 -1.34 -26.66
CA LEU B 411 38.09 -1.65 -27.27
C LEU B 411 39.13 -1.97 -26.20
N VAL B 412 39.24 -1.09 -25.20
CA VAL B 412 40.18 -1.34 -24.11
C VAL B 412 39.87 -2.68 -23.46
N LEU B 413 38.58 -2.91 -23.16
CA LEU B 413 38.18 -4.19 -22.59
C LEU B 413 38.64 -5.33 -23.48
N LEU B 414 38.41 -5.21 -24.78
CA LEU B 414 38.83 -6.26 -25.69
C LEU B 414 40.33 -6.50 -25.59
N LEU B 415 41.11 -5.41 -25.53
CA LEU B 415 42.54 -5.57 -25.36
C LEU B 415 42.85 -6.28 -24.06
N VAL B 416 42.16 -5.90 -22.98
CA VAL B 416 42.33 -6.59 -21.70
C VAL B 416 41.88 -8.03 -21.83
N LEU B 417 40.89 -8.28 -22.68
CA LEU B 417 40.45 -9.64 -22.93
C LEU B 417 41.29 -10.35 -24.00
N LEU B 418 42.19 -9.64 -24.68
CA LEU B 418 43.02 -10.27 -25.69
C LEU B 418 44.43 -10.57 -25.20
N VAL B 419 45.17 -9.53 -24.80
CA VAL B 419 46.58 -9.70 -24.44
C VAL B 419 46.95 -9.06 -23.12
N ILE B 420 46.15 -8.14 -22.57
CA ILE B 420 46.52 -7.46 -21.34
C ILE B 420 46.05 -8.21 -20.10
N ALA B 421 45.36 -9.34 -20.27
CA ALA B 421 44.87 -10.10 -19.12
C ALA B 421 45.98 -10.52 -18.16
N PRO B 422 47.08 -11.13 -18.58
CA PRO B 422 48.11 -11.53 -17.60
C PRO B 422 48.76 -10.35 -16.91
N LEU B 423 48.64 -9.15 -17.47
CA LEU B 423 49.17 -7.97 -16.80
C LEU B 423 48.37 -7.61 -15.55
N PHE B 424 47.22 -8.26 -15.32
CA PHE B 424 46.35 -7.90 -14.22
C PHE B 424 46.24 -8.96 -13.15
N TYR B 425 46.73 -10.17 -13.38
CA TYR B 425 46.61 -11.22 -12.38
C TYR B 425 47.68 -11.01 -11.31
N SER B 426 47.64 -11.85 -10.27
CA SER B 426 48.50 -11.73 -9.10
C SER B 426 48.45 -10.31 -8.54
N LEU B 427 47.22 -9.86 -8.29
CA LEU B 427 46.97 -8.53 -7.74
C LEU B 427 46.14 -8.73 -6.49
N GLN B 428 46.56 -8.08 -5.41
CA GLN B 428 45.95 -8.32 -4.10
C GLN B 428 44.48 -7.90 -4.09
N LYS B 429 43.63 -8.75 -3.52
CA LYS B 429 42.21 -8.46 -3.49
C LYS B 429 41.89 -7.25 -2.62
N SER B 430 42.79 -6.85 -1.72
CA SER B 430 42.53 -5.68 -0.90
C SER B 430 42.49 -4.41 -1.73
N VAL B 431 43.28 -4.34 -2.81
CA VAL B 431 43.24 -3.18 -3.69
C VAL B 431 41.87 -3.06 -4.34
N LEU B 432 41.28 -4.18 -4.75
CA LEU B 432 39.93 -4.15 -5.28
C LEU B 432 38.94 -3.68 -4.22
N GLY B 433 39.15 -4.09 -2.97
CA GLY B 433 38.28 -3.65 -1.89
C GLY B 433 38.34 -2.14 -1.69
N VAL B 434 39.54 -1.58 -1.65
CA VAL B 434 39.64 -0.14 -1.44
C VAL B 434 39.13 0.63 -2.65
N ILE B 435 39.31 0.10 -3.86
CA ILE B 435 38.73 0.73 -5.04
C ILE B 435 37.22 0.76 -4.93
N THR B 436 36.62 -0.35 -4.52
CA THR B 436 35.17 -0.40 -4.34
C THR B 436 34.72 0.59 -3.27
N ILE B 437 35.50 0.72 -2.20
CA ILE B 437 35.13 1.62 -1.12
C ILE B 437 35.15 3.08 -1.59
N VAL B 438 36.23 3.47 -2.27
CA VAL B 438 36.33 4.84 -2.75
C VAL B 438 35.30 5.11 -3.85
N ASN B 439 34.77 4.09 -4.51
CA ASN B 439 33.70 4.37 -5.52
C ASN B 439 32.36 4.47 -4.79
N LEU B 440 32.19 3.73 -3.72
CA LEU B 440 30.98 3.90 -2.92
C LEU B 440 30.98 5.20 -2.13
N ARG B 441 32.12 5.86 -2.01
CA ARG B 441 32.17 7.17 -1.33
C ARG B 441 31.19 8.15 -1.97
N GLY B 442 31.02 8.09 -3.28
CA GLY B 442 30.10 9.01 -3.95
C GLY B 442 28.67 8.86 -3.49
N ALA B 443 28.20 7.62 -3.34
CA ALA B 443 26.87 7.40 -2.80
C ALA B 443 26.81 7.63 -1.29
N LEU B 444 27.93 7.43 -0.59
CA LEU B 444 27.95 7.64 0.84
C LEU B 444 27.89 9.12 1.20
N ARG B 445 28.36 9.99 0.31
CA ARG B 445 28.35 11.42 0.61
C ARG B 445 26.95 11.99 0.73
N LYS B 446 25.92 11.25 0.31
CA LYS B 446 24.55 11.71 0.45
C LYS B 446 24.17 12.00 1.89
N PHE B 447 24.88 11.39 2.85
CA PHE B 447 24.62 11.66 4.25
C PHE B 447 24.91 13.11 4.62
N ARG B 448 25.92 13.71 3.99
CA ARG B 448 26.35 15.04 4.39
C ARG B 448 25.23 16.06 4.20
N ASP B 449 24.44 15.91 3.14
CA ASP B 449 23.37 16.85 2.83
C ASP B 449 22.01 16.38 3.35
N LEU B 450 22.00 15.58 4.41
CA LEU B 450 20.74 15.20 5.04
C LEU B 450 19.93 16.39 5.55
N PRO B 451 20.51 17.39 6.21
CA PRO B 451 19.69 18.54 6.64
C PRO B 451 19.01 19.25 5.50
N LYS B 452 19.65 19.31 4.33
CA LYS B 452 19.01 19.95 3.18
C LYS B 452 17.74 19.21 2.78
N MET B 453 17.78 17.88 2.79
CA MET B 453 16.57 17.11 2.53
C MET B 453 15.54 17.31 3.62
N TRP B 454 15.97 17.39 4.88
CA TRP B 454 15.01 17.58 5.96
C TRP B 454 14.30 18.92 5.84
N SER B 455 15.03 19.96 5.46
CA SER B 455 14.42 21.28 5.34
C SER B 455 13.38 21.32 4.23
N ILE B 456 13.66 20.68 3.10
CA ILE B 456 12.76 20.77 1.96
C ILE B 456 11.45 20.07 2.25
N SER B 457 11.52 18.83 2.74
CA SER B 457 10.30 18.05 3.06
C SER B 457 10.65 16.99 4.12
N ARG B 458 9.89 16.93 5.21
CA ARG B 458 10.27 16.01 6.30
C ARG B 458 9.86 14.57 5.97
N MET B 459 8.68 14.35 5.40
CA MET B 459 8.20 12.98 5.15
C MET B 459 9.15 12.28 4.18
N ASP B 460 9.67 13.01 3.18
CA ASP B 460 10.64 12.40 2.24
C ASP B 460 11.89 11.96 3.01
N THR B 461 12.42 12.81 3.88
CA THR B 461 13.57 12.41 4.69
C THR B 461 13.25 11.15 5.49
N VAL B 462 12.05 11.08 6.05
CA VAL B 462 11.66 9.88 6.80
C VAL B 462 11.62 8.66 5.89
N ILE B 463 11.08 8.82 4.67
CA ILE B 463 11.04 7.69 3.70
C ILE B 463 12.48 7.28 3.36
N TRP B 464 13.35 8.26 3.16
CA TRP B 464 14.74 7.98 2.81
C TRP B 464 15.42 7.17 3.90
N PHE B 465 15.22 7.57 5.15
CA PHE B 465 15.86 6.85 6.25
C PHE B 465 15.27 5.46 6.41
N VAL B 466 13.95 5.32 6.28
CA VAL B 466 13.34 4.00 6.42
C VAL B 466 13.86 3.07 5.33
N THR B 467 13.95 3.55 4.10
CA THR B 467 14.48 2.73 3.02
C THR B 467 15.95 2.37 3.25
N MET B 468 16.75 3.33 3.72
CA MET B 468 18.14 3.02 4.04
C MET B 468 18.23 1.88 5.06
N LEU B 469 17.50 2.02 6.18
CA LEU B 469 17.58 1.00 7.21
C LEU B 469 17.09 -0.35 6.70
N SER B 470 16.00 -0.35 5.93
CA SER B 470 15.46 -1.61 5.45
C SER B 470 16.34 -2.25 4.39
N SER B 471 17.11 -1.45 3.65
CA SER B 471 17.97 -1.99 2.62
C SER B 471 19.39 -2.26 3.09
N ALA B 472 19.74 -1.88 4.32
CA ALA B 472 21.05 -2.21 4.87
C ALA B 472 20.96 -3.34 5.90
N LEU B 473 20.15 -3.19 6.94
CA LEU B 473 20.06 -4.22 7.95
C LEU B 473 19.35 -5.46 7.43
N LEU B 474 18.25 -5.28 6.72
CA LEU B 474 17.50 -6.39 6.16
C LEU B 474 18.04 -6.69 4.77
N SER B 475 17.39 -7.60 4.05
CA SER B 475 17.86 -7.94 2.72
C SER B 475 17.56 -6.81 1.74
N THR B 476 18.23 -6.85 0.59
CA THR B 476 18.10 -5.79 -0.39
C THR B 476 16.70 -5.75 -1.00
N GLU B 477 16.19 -6.90 -1.46
CA GLU B 477 14.87 -6.93 -2.08
C GLU B 477 13.78 -6.53 -1.09
N ILE B 478 13.87 -7.04 0.14
CA ILE B 478 12.91 -6.66 1.18
C ILE B 478 13.02 -5.17 1.45
N GLY B 479 14.22 -4.63 1.41
CA GLY B 479 14.38 -3.20 1.61
C GLY B 479 13.68 -2.37 0.55
N LEU B 480 13.85 -2.75 -0.72
CA LEU B 480 13.19 -2.00 -1.79
C LEU B 480 11.67 -2.10 -1.69
N LEU B 481 11.16 -3.31 -1.42
CA LEU B 481 9.72 -3.47 -1.28
C LEU B 481 9.19 -2.66 -0.11
N VAL B 482 9.91 -2.67 1.02
CA VAL B 482 9.51 -1.88 2.17
C VAL B 482 9.48 -0.41 1.80
N GLY B 483 10.43 0.01 0.97
CA GLY B 483 10.47 1.41 0.52
C GLY B 483 9.26 1.77 -0.32
N VAL B 484 9.01 1.03 -1.41
CA VAL B 484 7.90 1.38 -2.34
C VAL B 484 6.59 1.43 -1.54
N CYS B 485 6.33 0.40 -0.73
CA CYS B 485 5.06 0.33 0.03
C CYS B 485 4.99 1.50 1.03
N PHE B 486 6.09 1.78 1.73
CA PHE B 486 6.07 2.85 2.77
C PHE B 486 5.73 4.19 2.10
N SER B 487 6.28 4.44 0.92
CA SER B 487 6.01 5.72 0.21
C SER B 487 4.51 5.80 -0.10
N ILE B 488 3.93 4.71 -0.64
CA ILE B 488 2.49 4.70 -1.00
C ILE B 488 1.67 4.95 0.27
N PHE B 489 2.07 4.34 1.39
CA PHE B 489 1.36 4.54 2.67
C PHE B 489 1.49 6.00 3.13
N CYS B 490 2.66 6.60 2.92
CA CYS B 490 2.87 7.98 3.43
C CYS B 490 1.88 8.92 2.73
N VAL B 491 1.61 8.72 1.45
CA VAL B 491 0.57 9.55 0.77
C VAL B 491 -0.74 9.41 1.55
N ILE B 492 -1.07 8.18 1.96
CA ILE B 492 -2.33 7.93 2.71
C ILE B 492 -2.26 8.69 4.04
N LEU B 493 -1.11 8.74 4.69
CA LEU B 493 -1.01 9.40 6.02
C LEU B 493 -1.33 10.88 5.87
N ARG B 494 -0.84 11.52 4.81
CA ARG B 494 -1.08 12.98 4.60
C ARG B 494 -2.58 13.23 4.53
N THR B 495 -3.32 12.37 3.83
CA THR B 495 -4.81 12.50 3.80
C THR B 495 -5.40 12.26 5.18
N GLN B 496 -4.90 11.31 5.98
CA GLN B 496 -5.57 10.96 7.26
C GLN B 496 -5.57 12.16 8.18
N LYS B 497 -4.46 12.88 8.27
CA LYS B 497 -4.51 14.13 9.06
C LYS B 497 -4.51 15.25 8.05
N PRO B 498 -5.60 16.00 7.93
CA PRO B 498 -5.69 16.99 6.89
C PRO B 498 -5.84 18.42 7.41
N LYS B 499 -5.06 19.35 6.88
CA LYS B 499 -5.26 20.75 7.31
C LYS B 499 -6.75 21.08 7.21
N SER B 500 -7.27 21.87 8.13
CA SER B 500 -8.68 22.24 8.18
C SER B 500 -8.80 23.52 8.99
N SER B 501 -9.51 24.50 8.44
CA SER B 501 -9.58 25.78 9.11
C SER B 501 -10.80 26.56 8.65
N LEU B 502 -11.13 27.59 9.42
CA LEU B 502 -12.17 28.52 9.03
C LEU B 502 -11.63 29.49 7.99
N LEU B 503 -12.54 30.12 7.26
CA LEU B 503 -12.20 31.03 6.18
C LEU B 503 -12.68 32.43 6.51
N GLY B 504 -11.86 33.41 6.15
CA GLY B 504 -12.20 34.80 6.35
C GLY B 504 -12.10 35.57 5.05
N LEU B 505 -12.94 36.60 4.95
CA LEU B 505 -13.00 37.42 3.75
C LEU B 505 -11.90 38.47 3.76
N VAL B 506 -11.25 38.65 2.63
CA VAL B 506 -10.19 39.65 2.47
C VAL B 506 -10.82 40.96 2.03
N GLU B 507 -10.43 42.05 2.69
CA GLU B 507 -11.07 43.34 2.49
C GLU B 507 -10.95 43.81 1.04
N GLU B 508 -12.04 44.35 0.52
CA GLU B 508 -12.09 44.93 -0.83
C GLU B 508 -11.66 43.92 -1.90
N SER B 509 -12.08 42.66 -1.72
CA SER B 509 -11.78 41.61 -2.67
C SER B 509 -12.71 40.44 -2.40
N GLU B 510 -12.72 39.49 -3.34
CA GLU B 510 -13.49 38.27 -3.21
C GLU B 510 -12.64 37.11 -2.73
N VAL B 511 -11.39 37.36 -2.34
CA VAL B 511 -10.49 36.31 -1.92
C VAL B 511 -10.86 35.86 -0.52
N PHE B 512 -10.95 34.55 -0.31
CA PHE B 512 -11.26 33.98 1.00
C PHE B 512 -10.04 33.19 1.48
N GLU B 513 -9.42 33.66 2.56
CA GLU B 513 -8.20 33.07 3.06
C GLU B 513 -8.45 32.30 4.35
N SER B 514 -7.41 31.67 4.87
CA SER B 514 -7.56 30.88 6.08
C SER B 514 -7.24 31.73 7.31
N VAL B 515 -8.19 31.79 8.24
CA VAL B 515 -8.00 32.61 9.44
C VAL B 515 -7.00 31.98 10.40
N SER B 516 -6.75 30.68 10.29
CA SER B 516 -5.77 30.05 11.15
C SER B 516 -4.35 30.35 10.70
N ALA B 517 -4.17 30.81 9.47
CA ALA B 517 -2.84 31.14 8.95
C ALA B 517 -2.67 32.59 8.58
N TYR B 518 -3.75 33.32 8.29
CA TYR B 518 -3.67 34.72 7.89
C TYR B 518 -4.44 35.58 8.87
N LYS B 519 -3.87 36.73 9.24
CA LYS B 519 -4.46 37.62 10.21
C LYS B 519 -5.22 38.74 9.52
N ASN B 520 -5.93 39.54 10.32
CA ASN B 520 -6.75 40.65 9.84
C ASN B 520 -7.75 40.18 8.78
N LEU B 521 -8.55 39.19 9.16
CA LEU B 521 -9.58 38.63 8.29
C LEU B 521 -10.94 38.82 8.95
N GLN B 522 -11.93 39.24 8.16
CA GLN B 522 -13.25 39.58 8.70
C GLN B 522 -14.20 38.40 8.51
N ILE B 523 -14.90 38.05 9.59
CA ILE B 523 -15.93 37.02 9.57
C ILE B 523 -17.18 37.59 10.21
N LYS B 524 -18.23 37.75 9.42
CA LYS B 524 -19.50 38.23 9.96
C LYS B 524 -20.11 37.16 10.87
N PRO B 525 -20.88 37.57 11.87
CA PRO B 525 -21.43 36.59 12.82
C PRO B 525 -22.52 35.75 12.17
N GLY B 526 -22.59 34.49 12.58
CA GLY B 526 -23.57 33.57 12.06
C GLY B 526 -23.17 32.84 10.79
N ILE B 527 -22.04 33.20 10.19
CA ILE B 527 -21.51 32.52 9.01
C ILE B 527 -20.19 31.89 9.40
N LYS B 528 -20.03 30.60 9.11
CA LYS B 528 -18.76 29.92 9.33
C LYS B 528 -18.42 29.11 8.10
N ILE B 529 -17.31 29.45 7.45
CA ILE B 529 -16.88 28.82 6.21
C ILE B 529 -15.78 27.84 6.56
N PHE B 530 -16.08 26.54 6.49
CA PHE B 530 -15.11 25.51 6.81
C PHE B 530 -14.35 25.09 5.56
N ARG B 531 -13.05 24.83 5.72
CA ARG B 531 -12.21 24.42 4.61
C ARG B 531 -11.42 23.18 5.00
N PHE B 532 -11.54 22.14 4.19
CA PHE B 532 -10.92 20.83 4.40
C PHE B 532 -9.98 20.58 3.23
N VAL B 533 -8.67 20.64 3.47
CA VAL B 533 -7.72 20.69 2.37
C VAL B 533 -7.67 19.35 1.64
N ALA B 534 -7.75 18.24 2.37
CA ALA B 534 -7.55 16.92 1.79
C ALA B 534 -8.82 16.36 1.17
N PRO B 535 -8.70 15.33 0.32
CA PRO B 535 -9.90 14.65 -0.17
C PRO B 535 -10.71 14.04 0.96
N LEU B 536 -12.01 13.89 0.74
CA LEU B 536 -12.91 13.28 1.76
C LEU B 536 -13.28 11.87 1.33
N TYR B 537 -12.76 10.86 2.03
CA TYR B 537 -13.11 9.44 1.72
C TYR B 537 -13.16 8.63 3.02
N TYR B 538 -13.16 7.30 2.92
CA TYR B 538 -13.32 6.43 4.12
C TYR B 538 -12.21 6.62 5.14
N ILE B 539 -11.07 7.18 4.73
CA ILE B 539 -9.94 7.23 5.65
C ILE B 539 -10.07 8.43 6.59
N ASN B 540 -10.39 9.61 6.05
CA ASN B 540 -10.49 10.81 6.86
C ASN B 540 -11.92 11.24 7.11
N LYS B 541 -12.89 10.35 6.88
CA LYS B 541 -14.29 10.69 7.12
C LYS B 541 -14.50 11.11 8.56
N GLU B 542 -14.00 10.31 9.51
CA GLU B 542 -14.12 10.66 10.92
C GLU B 542 -13.37 11.94 11.24
N CYS B 543 -12.19 12.13 10.63
CA CYS B 543 -11.43 13.35 10.87
C CYS B 543 -12.18 14.57 10.36
N PHE B 544 -12.81 14.46 9.17
CA PHE B 544 -13.58 15.58 8.64
C PHE B 544 -14.74 15.92 9.56
N LYS B 545 -15.47 14.89 10.01
CA LYS B 545 -16.60 15.14 10.90
C LYS B 545 -16.14 15.77 12.20
N SER B 546 -15.05 15.27 12.78
CA SER B 546 -14.57 15.81 14.06
C SER B 546 -14.08 17.24 13.91
N ALA B 547 -13.34 17.54 12.85
CA ALA B 547 -12.87 18.90 12.65
C ALA B 547 -14.04 19.86 12.45
N LEU B 548 -15.03 19.46 11.65
CA LEU B 548 -16.18 20.33 11.46
C LEU B 548 -16.96 20.52 12.75
N TYR B 549 -17.10 19.47 13.54
CA TYR B 549 -17.79 19.59 14.82
C TYR B 549 -17.01 20.45 15.80
N LYS B 550 -15.69 20.51 15.67
CA LYS B 550 -14.88 21.29 16.60
C LYS B 550 -14.89 22.76 16.23
N GLN B 551 -14.61 23.10 14.97
CA GLN B 551 -14.58 24.51 14.59
C GLN B 551 -15.95 25.13 14.69
N THR B 552 -16.96 24.50 14.11
CA THR B 552 -18.34 24.96 14.24
C THR B 552 -18.97 24.29 15.46
N VAL B 553 -20.29 24.36 15.57
CA VAL B 553 -20.98 23.72 16.67
C VAL B 553 -21.15 22.23 16.38
N ASN B 554 -21.41 21.45 17.42
CA ASN B 554 -21.63 20.02 17.30
C ASN B 554 -23.12 19.75 17.27
N PRO B 555 -23.69 19.36 16.12
CA PRO B 555 -25.14 19.18 16.06
C PRO B 555 -25.68 18.08 16.96
N ILE B 556 -24.93 17.00 17.12
CA ILE B 556 -25.44 15.86 17.89
C ILE B 556 -25.58 16.24 19.36
N LEU B 557 -24.54 16.86 19.92
CA LEU B 557 -24.58 17.23 21.34
C LEU B 557 -25.66 18.27 21.61
N ILE B 558 -25.79 19.26 20.73
CA ILE B 558 -26.81 20.29 20.96
C ILE B 558 -28.20 19.68 20.83
N LYS B 559 -28.39 18.75 19.89
CA LYS B 559 -29.68 18.08 19.75
C LYS B 559 -30.01 17.26 20.98
N VAL B 560 -29.02 16.53 21.53
CA VAL B 560 -29.28 15.73 22.71
C VAL B 560 -29.56 16.63 23.91
N ALA B 561 -28.91 17.80 23.97
CA ALA B 561 -29.20 18.74 25.04
C ALA B 561 -30.62 19.29 24.92
N TRP B 562 -31.06 19.58 23.69
CA TRP B 562 -32.42 20.03 23.49
C TRP B 562 -33.43 18.96 23.88
N LYS B 563 -33.16 17.71 23.52
CA LYS B 563 -34.04 16.62 23.91
C LYS B 563 -34.09 16.45 25.42
N LYS B 564 -32.94 16.60 26.08
CA LYS B 564 -32.92 16.55 27.54
C LYS B 564 -33.74 17.68 28.14
N ALA B 565 -33.63 18.88 27.58
CA ALA B 565 -34.38 20.02 28.07
C ALA B 565 -35.86 19.91 27.70
N GLU B 594 -27.18 31.37 17.44
CA GLU B 594 -26.25 32.28 16.77
C GLU B 594 -25.98 31.83 15.35
N LEU B 595 -25.09 30.84 15.21
CA LEU B 595 -24.68 30.38 13.89
C LEU B 595 -25.85 29.72 13.16
N HIS B 596 -26.14 30.21 11.96
CA HIS B 596 -27.33 29.79 11.23
C HIS B 596 -27.03 29.11 9.90
N THR B 597 -25.90 29.41 9.26
CA THR B 597 -25.55 28.72 8.02
C THR B 597 -24.07 28.38 8.04
N ILE B 598 -23.72 27.26 7.41
CA ILE B 598 -22.33 26.81 7.30
C ILE B 598 -22.03 26.61 5.82
N VAL B 599 -20.97 27.26 5.35
CA VAL B 599 -20.55 27.19 3.96
C VAL B 599 -19.34 26.26 3.91
N ILE B 600 -19.55 25.04 3.43
CA ILE B 600 -18.49 24.05 3.35
C ILE B 600 -17.79 24.24 2.01
N ASP B 601 -16.55 24.73 2.05
CA ASP B 601 -15.78 24.93 0.83
C ASP B 601 -15.17 23.59 0.41
N CYS B 602 -15.51 23.15 -0.79
CA CYS B 602 -15.03 21.88 -1.32
C CYS B 602 -14.04 22.08 -2.46
N SER B 603 -13.38 23.24 -2.50
CA SER B 603 -12.49 23.54 -3.61
C SER B 603 -11.33 22.56 -3.66
N ALA B 604 -10.80 22.20 -2.50
CA ALA B 604 -9.65 21.31 -2.44
C ALA B 604 -10.04 19.84 -2.34
N ILE B 605 -11.33 19.52 -2.28
CA ILE B 605 -11.77 18.11 -2.14
C ILE B 605 -11.79 17.46 -3.52
N GLN B 606 -10.71 16.77 -3.92
CA GLN B 606 -10.60 16.19 -5.28
C GLN B 606 -11.65 15.11 -5.59
N PHE B 607 -11.86 14.15 -4.69
CA PHE B 607 -12.81 13.05 -4.97
C PHE B 607 -13.66 12.75 -3.73
N LEU B 608 -14.84 12.17 -3.93
CA LEU B 608 -15.73 11.82 -2.80
C LEU B 608 -16.14 10.35 -2.94
N ASP B 609 -15.56 9.46 -2.14
CA ASP B 609 -15.88 8.01 -2.21
C ASP B 609 -17.29 7.78 -1.65
N THR B 610 -17.82 6.56 -1.76
CA THR B 610 -19.19 6.28 -1.30
C THR B 610 -19.36 6.79 0.14
N ALA B 611 -18.34 6.61 0.98
CA ALA B 611 -18.41 7.05 2.39
C ALA B 611 -18.58 8.57 2.44
N GLY B 612 -17.89 9.28 1.55
CA GLY B 612 -18.00 10.74 1.51
C GLY B 612 -19.42 11.20 1.24
N ILE B 613 -20.07 10.57 0.26
CA ILE B 613 -21.48 10.93 -0.07
C ILE B 613 -22.33 10.74 1.19
N HIS B 614 -22.15 9.61 1.89
CA HIS B 614 -22.93 9.35 3.09
C HIS B 614 -22.58 10.34 4.20
N THR B 615 -21.30 10.68 4.35
CA THR B 615 -20.91 11.64 5.37
C THR B 615 -21.53 12.99 5.11
N LEU B 616 -21.50 13.45 3.86
CA LEU B 616 -22.06 14.75 3.54
C LEU B 616 -23.58 14.76 3.76
N LYS B 617 -24.27 13.69 3.36
CA LYS B 617 -25.71 13.63 3.62
C LYS B 617 -26.00 13.63 5.11
N GLU B 618 -25.22 12.89 5.89
CA GLU B 618 -25.45 12.85 7.33
C GLU B 618 -25.20 14.22 7.96
N VAL B 619 -24.16 14.91 7.52
CA VAL B 619 -23.87 16.24 8.03
C VAL B 619 -25.02 17.18 7.72
N ARG B 620 -25.50 17.15 6.48
CA ARG B 620 -26.60 18.03 6.11
C ARG B 620 -27.86 17.71 6.90
N ARG B 621 -28.15 16.43 7.10
CA ARG B 621 -29.35 16.05 7.84
C ARG B 621 -29.27 16.50 9.29
N ASP B 622 -28.12 16.29 9.94
CA ASP B 622 -27.98 16.71 11.34
C ASP B 622 -28.11 18.22 11.46
N TYR B 623 -27.45 18.96 10.58
CA TYR B 623 -27.51 20.42 10.68
C TYR B 623 -28.89 20.95 10.34
N GLU B 624 -29.61 20.30 9.42
CA GLU B 624 -30.99 20.70 9.17
C GLU B 624 -31.87 20.43 10.37
N ALA B 625 -31.67 19.28 11.03
CA ALA B 625 -32.47 18.97 12.21
C ALA B 625 -32.22 19.95 13.33
N ILE B 626 -30.97 20.37 13.53
CA ILE B 626 -30.69 21.36 14.57
C ILE B 626 -31.30 22.71 14.23
N GLY B 627 -31.28 23.10 12.96
CA GLY B 627 -31.79 24.39 12.53
C GLY B 627 -30.84 25.16 11.65
N ILE B 628 -29.79 24.53 11.16
CA ILE B 628 -28.73 25.18 10.39
C ILE B 628 -28.82 24.75 8.94
N GLN B 629 -28.37 25.63 8.05
CA GLN B 629 -28.36 25.40 6.61
C GLN B 629 -26.94 25.15 6.16
N VAL B 630 -26.72 24.04 5.46
CA VAL B 630 -25.40 23.66 4.99
C VAL B 630 -25.28 23.99 3.51
N LEU B 631 -24.23 24.71 3.14
CA LEU B 631 -24.00 25.15 1.77
C LEU B 631 -22.67 24.62 1.27
N LEU B 632 -22.68 24.04 0.08
CA LEU B 632 -21.48 23.52 -0.56
C LEU B 632 -21.03 24.48 -1.66
N ALA B 633 -19.74 24.77 -1.70
CA ALA B 633 -19.23 25.78 -2.62
C ALA B 633 -18.00 25.27 -3.35
N GLN B 634 -17.82 25.76 -4.59
CA GLN B 634 -16.65 25.48 -5.41
C GLN B 634 -16.42 23.99 -5.61
N CYS B 635 -17.50 23.23 -5.75
CA CYS B 635 -17.37 21.79 -5.93
C CYS B 635 -16.82 21.47 -7.31
N ASN B 636 -15.96 20.46 -7.38
CA ASN B 636 -15.43 20.01 -8.65
C ASN B 636 -16.55 19.41 -9.50
N PRO B 637 -16.42 19.43 -10.82
CA PRO B 637 -17.42 18.75 -11.65
C PRO B 637 -17.59 17.29 -11.30
N THR B 638 -16.49 16.60 -11.01
CA THR B 638 -16.57 15.20 -10.62
C THR B 638 -17.31 15.04 -9.29
N VAL B 639 -17.04 15.92 -8.33
CA VAL B 639 -17.74 15.85 -7.06
C VAL B 639 -19.22 16.18 -7.26
N ARG B 640 -19.53 17.09 -8.18
CA ARG B 640 -20.93 17.36 -8.48
C ARG B 640 -21.62 16.13 -9.03
N ASP B 641 -20.96 15.42 -9.95
CA ASP B 641 -21.56 14.19 -10.48
C ASP B 641 -21.74 13.15 -9.38
N SER B 642 -20.75 13.04 -8.48
CA SER B 642 -20.85 12.07 -7.40
C SER B 642 -22.01 12.42 -6.46
N LEU B 643 -22.18 13.70 -6.14
CA LEU B 643 -23.30 14.10 -5.28
C LEU B 643 -24.64 13.87 -5.97
N THR B 644 -24.72 14.15 -7.27
CA THR B 644 -25.96 13.92 -7.99
C THR B 644 -26.32 12.45 -8.02
N ASN B 645 -25.33 11.58 -8.27
CA ASN B 645 -25.60 10.15 -8.30
C ASN B 645 -26.03 9.62 -6.94
N GLY B 646 -25.57 10.24 -5.86
CA GLY B 646 -25.93 9.83 -4.52
C GLY B 646 -27.20 10.45 -3.98
N GLU B 647 -27.94 11.18 -4.80
CA GLU B 647 -29.21 11.79 -4.43
C GLU B 647 -29.05 12.78 -3.27
N TYR B 648 -27.89 13.44 -3.20
CA TYR B 648 -27.69 14.45 -2.17
C TYR B 648 -28.55 15.68 -2.44
N CYS B 649 -28.64 16.10 -3.70
CA CYS B 649 -29.36 17.31 -4.06
C CYS B 649 -30.85 17.09 -4.30
N LYS B 650 -31.33 15.87 -4.08
CA LYS B 650 -32.74 15.50 -4.28
C LYS B 650 -33.08 15.77 -5.74
N LYS B 651 -34.17 16.49 -6.04
CA LYS B 651 -34.59 16.76 -7.42
C LYS B 651 -34.73 18.28 -7.56
N GLU B 652 -33.66 18.94 -7.96
CA GLU B 652 -33.63 20.38 -8.18
C GLU B 652 -34.11 21.15 -6.95
N GLU B 653 -33.68 20.70 -5.78
CA GLU B 653 -34.04 21.40 -4.54
C GLU B 653 -33.38 22.77 -4.47
N GLU B 654 -32.25 22.94 -5.15
CA GLU B 654 -31.52 24.20 -5.22
C GLU B 654 -31.04 24.65 -3.85
N ASN B 655 -30.32 25.77 -3.80
CA ASN B 655 -29.80 26.34 -2.57
C ASN B 655 -28.92 25.36 -1.81
N LEU B 656 -28.32 24.39 -2.51
CA LEU B 656 -27.43 23.42 -1.90
C LEU B 656 -26.02 23.47 -2.48
N LEU B 657 -25.89 23.68 -3.78
CA LEU B 657 -24.59 23.75 -4.45
C LEU B 657 -24.40 25.15 -5.01
N PHE B 658 -23.22 25.72 -4.82
CA PHE B 658 -22.91 27.04 -5.33
C PHE B 658 -21.55 27.02 -6.01
N TYR B 659 -21.36 27.93 -6.96
CA TYR B 659 -20.16 27.96 -7.77
C TYR B 659 -19.03 28.76 -7.15
N SER B 660 -19.28 29.47 -6.05
CA SER B 660 -18.24 30.28 -5.44
C SER B 660 -18.56 30.45 -3.96
N VAL B 661 -17.51 30.67 -3.17
CA VAL B 661 -17.71 30.93 -1.75
C VAL B 661 -18.47 32.23 -1.56
N TYR B 662 -18.14 33.24 -2.36
CA TYR B 662 -18.77 34.55 -2.22
C TYR B 662 -20.27 34.46 -2.48
N GLU B 663 -20.65 33.76 -3.55
CA GLU B 663 -22.06 33.69 -3.91
C GLU B 663 -22.87 33.00 -2.82
N ALA B 664 -22.35 31.89 -2.28
CA ALA B 664 -23.06 31.17 -1.24
C ALA B 664 -23.15 31.99 0.05
N MET B 665 -22.07 32.68 0.40
CA MET B 665 -22.09 33.51 1.60
C MET B 665 -23.09 34.66 1.46
N ALA B 666 -23.14 35.29 0.30
CA ALA B 666 -24.13 36.34 0.09
C ALA B 666 -25.54 35.79 0.14
N PHE B 667 -25.75 34.60 -0.44
CA PHE B 667 -27.05 33.96 -0.37
C PHE B 667 -27.45 33.68 1.07
N ALA B 668 -26.51 33.24 1.89
CA ALA B 668 -26.80 33.03 3.31
C ALA B 668 -27.16 34.34 3.99
N GLU B 669 -26.44 35.41 3.67
CA GLU B 669 -26.72 36.72 4.25
C GLU B 669 -28.13 37.17 3.90
N VAL B 670 -28.55 36.97 2.66
CA VAL B 670 -29.91 37.32 2.26
C VAL B 670 -30.93 36.44 2.96
N SER B 671 -30.65 35.13 3.07
CA SER B 671 -31.63 34.21 3.63
C SER B 671 -31.84 34.48 5.12
N LYS B 672 -30.80 34.92 5.83
CA LYS B 672 -30.97 35.25 7.24
C LYS B 672 -31.98 36.37 7.42
N ASN B 673 -31.91 37.41 6.60
CA ASN B 673 -32.83 38.53 6.69
C ASN B 673 -34.11 38.25 5.92
S SO4 C . -23.72 -14.33 11.75
O1 SO4 C . -24.22 -15.35 10.89
O2 SO4 C . -22.77 -14.89 12.66
O3 SO4 C . -24.81 -13.76 12.49
O4 SO4 C . -23.10 -13.31 10.98
S SO4 D . 28.54 1.68 -9.43
O1 SO4 D . 29.47 1.56 -8.36
O2 SO4 D . 28.29 0.40 -10.00
O3 SO4 D . 29.08 2.55 -10.43
O4 SO4 D . 27.32 2.23 -8.94
#